data_6PTB
#
_entry.id   6PTB
#
_cell.length_a   50.676
_cell.length_b   63.671
_cell.length_c   75.175
_cell.angle_alpha   81.472
_cell.angle_beta   75.849
_cell.angle_gamma   77.225
#
_symmetry.space_group_name_H-M   'P 1'
#
loop_
_entity.id
_entity.type
_entity.pdbx_description
1 polymer 'HLA class I histocompatibility antigen, A-2 alpha chain'
2 polymer Beta-2-microglobulin
3 polymer 'HAUS augmin-like complex subunit 3'
4 non-polymer GLYCEROL
5 water water
#
loop_
_entity_poly.entity_id
_entity_poly.type
_entity_poly.pdbx_seq_one_letter_code
_entity_poly.pdbx_strand_id
1 'polypeptide(L)'
;GSHSMRYFFTSVSRPGRGEPRFIAVGYVDDTQFVRFDSDAASQRMEPRAPWIEQEGPEYWDGETRKVKAHSQTHRVDLGT
LRGYYNQSEAGSHTVQRMYGCDVGSDWRFLRGYHQYAYDGKDYIALKEDLRSWTAADMAAQTTKHKWEAAHVAEQLRAYL
EGTCVEWLRRYLENGKETLQRTDAPKTHMTHHAVSDHEATLRCWALSFYPAEITLTWQRDGEDQTQDTELVETRPAGDGT
FQKWAAVVVPSGQEQRYTCHVQHEGLPKPLTLRWE
;
A,D
2 'polypeptide(L)'
;MIQRTPKIQVYSRHPAENGKSNFLNCYVSGFHPSDIEVDLLKNGERIEKVEHSDLSFSKDWSFYLLYYTEFTPTEKDEYA
CRVNHVTLSQPKIVKWDRDM
;
B,E
3 'polypeptide(L)' ILNAMIAKI C,F
#
loop_
_chem_comp.id
_chem_comp.type
_chem_comp.name
_chem_comp.formula
GOL non-polymer GLYCEROL 'C3 H8 O3'
#
# COMPACT_ATOMS: atom_id res chain seq x y z
N GLY A 1 21.51 3.06 22.22
CA GLY A 1 21.48 4.46 21.88
C GLY A 1 20.15 4.93 21.32
N SER A 2 20.12 6.19 20.87
CA SER A 2 18.93 6.76 20.26
C SER A 2 18.80 6.31 18.81
N HIS A 3 17.56 6.37 18.31
CA HIS A 3 17.27 5.89 16.98
C HIS A 3 16.17 6.73 16.36
N SER A 4 16.10 6.68 15.03
CA SER A 4 15.11 7.44 14.29
C SER A 4 14.65 6.63 13.08
N MET A 5 13.45 6.96 12.60
CA MET A 5 12.92 6.44 11.34
C MET A 5 12.37 7.62 10.55
N ARG A 6 12.74 7.71 9.27
CA ARG A 6 12.36 8.84 8.44
C ARG A 6 11.94 8.37 7.07
N TYR A 7 10.92 9.02 6.51
CA TYR A 7 10.50 8.82 5.13
C TYR A 7 10.67 10.13 4.36
N PHE A 8 11.31 10.06 3.20
CA PHE A 8 11.58 11.21 2.36
C PHE A 8 10.87 11.05 1.04
N PHE A 9 10.17 12.10 0.60
CA PHE A 9 9.38 12.06 -0.62
C PHE A 9 9.79 13.24 -1.50
N THR A 10 10.07 12.95 -2.77
CA THR A 10 10.37 13.97 -3.74
C THR A 10 9.40 13.85 -4.91
N SER A 11 8.85 14.98 -5.35
CA SER A 11 7.91 15.03 -6.45
C SER A 11 8.32 16.18 -7.37
N VAL A 12 8.54 15.87 -8.65
CA VAL A 12 9.03 16.85 -9.62
C VAL A 12 8.12 16.83 -10.84
N SER A 13 7.46 17.96 -11.09
CA SER A 13 6.59 18.07 -12.27
C SER A 13 7.43 18.09 -13.54
N ARG A 14 6.87 17.51 -14.61
CA ARG A 14 7.56 17.38 -15.89
C ARG A 14 6.63 17.87 -16.98
N PRO A 15 6.57 19.19 -17.20
CA PRO A 15 5.64 19.74 -18.20
C PRO A 15 5.88 19.17 -19.58
N GLY A 16 4.81 18.66 -20.19
CA GLY A 16 4.89 18.05 -21.50
C GLY A 16 5.45 16.65 -21.54
N ARG A 17 6.15 16.22 -20.48
CA ARG A 17 6.78 14.91 -20.44
C ARG A 17 5.99 13.90 -19.62
N GLY A 18 4.67 14.10 -19.50
CA GLY A 18 3.82 13.12 -18.86
C GLY A 18 3.61 13.32 -17.37
N GLU A 19 3.66 12.22 -16.62
CA GLU A 19 3.41 12.27 -15.19
C GLU A 19 4.59 12.87 -14.44
N PRO A 20 4.36 13.43 -13.26
CA PRO A 20 5.49 13.91 -12.45
C PRO A 20 6.31 12.73 -11.93
N ARG A 21 7.60 13.00 -11.71
CA ARG A 21 8.44 12.03 -11.04
C ARG A 21 8.05 11.96 -9.57
N PHE A 22 8.16 10.77 -8.99
CA PHE A 22 7.88 10.59 -7.58
C PHE A 22 8.81 9.54 -7.01
N ILE A 23 9.57 9.91 -5.99
CA ILE A 23 10.52 9.02 -5.34
C ILE A 23 10.30 9.10 -3.84
N ALA A 24 10.08 7.94 -3.23
CA ALA A 24 9.97 7.81 -1.77
C ALA A 24 11.06 6.87 -1.29
N VAL A 25 11.67 7.21 -0.16
CA VAL A 25 12.66 6.36 0.47
C VAL A 25 12.43 6.39 1.97
N GLY A 26 12.71 5.27 2.63
CA GLY A 26 12.57 5.15 4.07
C GLY A 26 13.92 4.83 4.69
N TYR A 27 14.17 5.39 5.86
CA TYR A 27 15.42 5.21 6.57
C TYR A 27 15.17 4.84 8.02
N VAL A 28 16.00 3.95 8.55
CA VAL A 28 16.18 3.77 9.99
C VAL A 28 17.61 4.18 10.30
N ASP A 29 17.77 5.23 11.12
CA ASP A 29 19.07 5.84 11.40
C ASP A 29 19.68 6.23 10.06
N ASP A 30 20.89 5.78 9.72
CA ASP A 30 21.53 6.10 8.46
C ASP A 30 21.41 4.97 7.44
N THR A 31 20.46 4.06 7.62
CA THR A 31 20.32 2.89 6.77
C THR A 31 19.01 2.97 6.01
N GLN A 32 19.09 3.04 4.68
CA GLN A 32 17.90 2.99 3.85
C GLN A 32 17.37 1.57 3.80
N PHE A 33 16.05 1.40 3.87
CA PHE A 33 15.47 0.07 3.87
C PHE A 33 14.30 -0.12 2.90
N VAL A 34 13.64 0.93 2.43
CA VAL A 34 12.63 0.81 1.41
C VAL A 34 12.77 1.96 0.41
N ARG A 35 12.15 1.78 -0.75
CA ARG A 35 12.15 2.78 -1.80
C ARG A 35 10.97 2.55 -2.73
N PHE A 36 10.52 3.62 -3.36
CA PHE A 36 9.55 3.54 -4.44
C PHE A 36 9.90 4.58 -5.49
N ASP A 37 9.87 4.17 -6.76
CA ASP A 37 10.26 5.03 -7.87
C ASP A 37 9.17 5.01 -8.93
N SER A 38 8.58 6.17 -9.21
CA SER A 38 7.47 6.24 -10.16
C SER A 38 7.88 5.79 -11.56
N ASP A 39 9.15 5.97 -11.92
CA ASP A 39 9.63 5.63 -13.25
C ASP A 39 10.08 4.18 -13.38
N ALA A 40 10.26 3.46 -12.28
CA ALA A 40 10.74 2.09 -12.34
C ALA A 40 9.60 1.15 -12.74
N ALA A 41 9.99 -0.05 -13.19
CA ALA A 41 9.05 -0.96 -13.82
C ALA A 41 8.09 -1.63 -12.82
N SER A 42 8.53 -1.86 -11.58
CA SER A 42 7.73 -2.69 -10.67
C SER A 42 6.47 -1.97 -10.20
N GLN A 43 6.53 -0.66 -10.01
CA GLN A 43 5.43 0.11 -9.40
C GLN A 43 5.09 -0.45 -8.02
N ARG A 44 6.11 -0.86 -7.28
CA ARG A 44 5.94 -1.41 -5.94
C ARG A 44 6.89 -0.72 -4.98
N MET A 45 6.53 -0.72 -3.70
CA MET A 45 7.51 -0.47 -2.66
C MET A 45 8.51 -1.62 -2.65
N GLU A 46 9.80 -1.30 -2.66
CA GLU A 46 10.82 -2.32 -2.80
C GLU A 46 11.76 -2.33 -1.61
N PRO A 47 12.29 -3.50 -1.24
CA PRO A 47 13.27 -3.57 -0.15
C PRO A 47 14.63 -3.02 -0.60
N ARG A 48 15.31 -2.35 0.33
CA ARG A 48 16.67 -1.88 0.08
C ARG A 48 17.64 -2.30 1.18
N ALA A 49 17.17 -3.06 2.18
CA ALA A 49 17.99 -3.63 3.24
C ALA A 49 17.63 -5.11 3.39
N PRO A 50 18.60 -5.98 3.67
CA PRO A 50 18.27 -7.41 3.74
C PRO A 50 17.32 -7.76 4.87
N TRP A 51 17.36 -7.04 6.00
CA TRP A 51 16.51 -7.37 7.12
C TRP A 51 15.05 -6.97 6.93
N ILE A 52 14.71 -6.22 5.87
CA ILE A 52 13.30 -5.96 5.59
C ILE A 52 12.74 -6.95 4.58
N GLU A 53 13.60 -7.77 3.96
CA GLU A 53 13.12 -8.70 2.95
C GLU A 53 12.27 -9.82 3.55
N GLN A 54 12.44 -10.14 4.83
CA GLN A 54 11.64 -11.20 5.45
C GLN A 54 10.19 -10.79 5.66
N GLU A 55 9.87 -9.50 5.53
CA GLU A 55 8.48 -9.08 5.62
C GLU A 55 7.68 -9.73 4.51
N GLY A 56 6.47 -10.17 4.85
CA GLY A 56 5.68 -10.97 3.93
C GLY A 56 4.90 -10.15 2.93
N PRO A 57 4.02 -10.84 2.16
CA PRO A 57 3.27 -10.13 1.11
C PRO A 57 2.38 -9.03 1.64
N GLU A 58 1.79 -9.23 2.82
CA GLU A 58 0.90 -8.21 3.38
C GLU A 58 1.64 -6.89 3.60
N TYR A 59 2.86 -6.96 4.16
CA TYR A 59 3.66 -5.76 4.33
C TYR A 59 3.89 -5.06 2.99
N TRP A 60 4.39 -5.80 2.00
CA TRP A 60 4.71 -5.19 0.73
C TRP A 60 3.47 -4.70 -0.01
N ASP A 61 2.39 -5.48 0.02
CA ASP A 61 1.17 -5.02 -0.65
C ASP A 61 0.60 -3.77 0.01
N GLY A 62 0.64 -3.73 1.34
CA GLY A 62 0.13 -2.56 2.04
C GLY A 62 1.00 -1.33 1.86
N GLU A 63 2.32 -1.50 1.93
CA GLU A 63 3.21 -0.36 1.71
C GLU A 63 3.13 0.11 0.27
N THR A 64 2.98 -0.81 -0.68
CA THR A 64 2.77 -0.40 -2.07
C THR A 64 1.51 0.44 -2.19
N ARG A 65 0.40 -0.04 -1.59
CA ARG A 65 -0.84 0.71 -1.66
C ARG A 65 -0.71 2.09 -1.05
N LYS A 66 -0.07 2.18 0.13
CA LYS A 66 0.04 3.47 0.79
C LYS A 66 0.97 4.41 0.02
N VAL A 67 2.07 3.88 -0.52
CA VAL A 67 3.01 4.73 -1.23
C VAL A 67 2.38 5.26 -2.51
N LYS A 68 1.50 4.48 -3.14
CA LYS A 68 0.72 5.00 -4.27
C LYS A 68 -0.21 6.12 -3.82
N ALA A 69 -0.78 6.00 -2.61
CA ALA A 69 -1.61 7.05 -2.06
C ALA A 69 -0.80 8.31 -1.73
N HIS A 70 0.47 8.15 -1.36
CA HIS A 70 1.34 9.32 -1.25
C HIS A 70 1.57 9.94 -2.62
N SER A 71 1.87 9.10 -3.62
CA SER A 71 2.12 9.60 -4.96
C SER A 71 0.93 10.38 -5.51
N GLN A 72 -0.28 9.84 -5.34
CA GLN A 72 -1.46 10.50 -5.89
C GLN A 72 -1.67 11.88 -5.25
N THR A 73 -1.45 11.98 -3.93
CA THR A 73 -1.57 13.27 -3.25
C THR A 73 -0.55 14.27 -3.79
N HIS A 74 0.69 13.82 -3.99
CA HIS A 74 1.71 14.73 -4.50
C HIS A 74 1.46 15.12 -5.95
N ARG A 75 0.86 14.23 -6.75
CA ARG A 75 0.49 14.62 -8.10
C ARG A 75 -0.51 15.77 -8.09
N VAL A 76 -1.48 15.70 -7.17
CA VAL A 76 -2.45 16.78 -7.06
C VAL A 76 -1.80 18.03 -6.48
N ASP A 77 -0.89 17.84 -5.51
CA ASP A 77 -0.27 18.99 -4.84
C ASP A 77 0.44 19.90 -5.82
N LEU A 78 1.09 19.33 -6.83
CA LEU A 78 1.84 20.14 -7.79
C LEU A 78 0.93 21.12 -8.53
N GLY A 79 -0.22 20.63 -9.01
CA GLY A 79 -1.20 21.51 -9.61
C GLY A 79 -1.73 22.55 -8.63
N THR A 80 -2.08 22.10 -7.42
CA THR A 80 -2.61 23.02 -6.42
C THR A 80 -1.61 24.13 -6.10
N LEU A 81 -0.34 23.75 -5.85
CA LEU A 81 0.66 24.75 -5.53
C LEU A 81 0.91 25.68 -6.71
N ARG A 82 0.86 25.16 -7.94
CA ARG A 82 0.99 26.01 -9.11
C ARG A 82 -0.06 27.11 -9.11
N GLY A 83 -1.30 26.77 -8.70
CA GLY A 83 -2.35 27.77 -8.64
C GLY A 83 -2.14 28.77 -7.52
N TYR A 84 -1.74 28.30 -6.33
CA TYR A 84 -1.51 29.20 -5.21
C TYR A 84 -0.53 30.32 -5.57
N TYR A 85 0.49 30.03 -6.38
CA TYR A 85 1.52 31.00 -6.70
C TYR A 85 1.42 31.57 -8.10
N ASN A 86 0.33 31.26 -8.82
CA ASN A 86 0.06 31.82 -10.16
C ASN A 86 1.24 31.57 -11.10
N GLN A 87 1.73 30.34 -11.09
CA GLN A 87 2.82 29.95 -11.96
C GLN A 87 2.29 29.29 -13.22
N SER A 88 3.07 29.36 -14.29
CA SER A 88 2.65 28.80 -15.56
C SER A 88 2.81 27.28 -15.57
N GLU A 89 2.21 26.66 -16.58
CA GLU A 89 2.31 25.21 -16.75
C GLU A 89 3.62 24.79 -17.41
N ALA A 90 4.43 25.74 -17.88
CA ALA A 90 5.63 25.41 -18.64
C ALA A 90 6.81 25.03 -17.75
N GLY A 91 6.84 25.49 -16.51
CA GLY A 91 8.00 25.26 -15.65
C GLY A 91 7.88 24.02 -14.78
N SER A 92 9.03 23.42 -14.50
CA SER A 92 9.12 22.29 -13.57
C SER A 92 9.27 22.80 -12.15
N HIS A 93 8.57 22.14 -11.22
CA HIS A 93 8.58 22.56 -9.82
C HIS A 93 8.75 21.34 -8.92
N THR A 94 9.29 21.57 -7.72
CA THR A 94 9.67 20.50 -6.81
C THR A 94 8.89 20.61 -5.51
N VAL A 95 8.35 19.46 -5.08
CA VAL A 95 7.76 19.32 -3.76
C VAL A 95 8.54 18.25 -3.01
N GLN A 96 8.84 18.52 -1.74
CA GLN A 96 9.50 17.55 -0.89
C GLN A 96 8.70 17.41 0.40
N ARG A 97 8.73 16.20 0.96
CA ARG A 97 8.05 15.91 2.22
C ARG A 97 8.89 14.94 3.04
N MET A 98 8.92 15.17 4.34
CA MET A 98 9.65 14.32 5.28
C MET A 98 8.83 14.18 6.54
N TYR A 99 8.77 12.96 7.08
CA TYR A 99 8.19 12.77 8.40
C TYR A 99 8.80 11.53 9.04
N GLY A 100 8.63 11.44 10.36
CA GLY A 100 9.20 10.34 11.11
C GLY A 100 9.30 10.69 12.58
N CYS A 101 9.95 9.79 13.32
CA CYS A 101 9.98 9.88 14.77
C CYS A 101 11.38 9.60 15.29
N ASP A 102 11.68 10.18 16.46
CA ASP A 102 12.90 9.92 17.20
C ASP A 102 12.57 9.19 18.49
N VAL A 103 13.40 8.21 18.85
CA VAL A 103 13.32 7.58 20.16
C VAL A 103 14.66 7.76 20.87
N GLY A 104 14.60 7.89 22.18
CA GLY A 104 15.80 8.03 22.99
C GLY A 104 16.41 6.69 23.34
N SER A 105 17.35 6.73 24.29
CA SER A 105 18.06 5.53 24.69
C SER A 105 17.18 4.53 25.42
N ASP A 106 16.02 4.97 25.93
CA ASP A 106 15.03 4.07 26.49
C ASP A 106 14.07 3.52 25.44
N TRP A 107 14.25 3.89 24.17
CA TRP A 107 13.42 3.47 23.05
C TRP A 107 11.97 3.96 23.16
N ARG A 108 11.72 5.00 23.96
CA ARG A 108 10.41 5.61 24.04
C ARG A 108 10.36 6.84 23.15
N PHE A 109 9.14 7.26 22.81
CA PHE A 109 8.96 8.39 21.91
C PHE A 109 9.66 9.63 22.46
N LEU A 110 10.42 10.30 21.60
CA LEU A 110 11.17 11.50 21.96
C LEU A 110 10.76 12.72 21.14
N ARG A 111 10.53 12.55 19.83
CA ARG A 111 10.30 13.69 18.96
C ARG A 111 9.59 13.20 17.70
N GLY A 112 8.78 14.07 17.11
CA GLY A 112 8.07 13.74 15.89
C GLY A 112 8.16 14.86 14.89
N TYR A 113 8.21 14.49 13.60
CA TYR A 113 8.45 15.43 12.52
C TYR A 113 7.46 15.24 11.39
N HIS A 114 7.05 16.36 10.78
CA HIS A 114 6.39 16.33 9.48
C HIS A 114 6.63 17.68 8.82
N GLN A 115 7.44 17.67 7.76
CA GLN A 115 7.87 18.90 7.11
C GLN A 115 7.58 18.82 5.61
N TYR A 116 7.29 19.98 5.02
CA TYR A 116 6.86 20.08 3.64
C TYR A 116 7.54 21.29 3.01
N ALA A 117 8.06 21.12 1.79
CA ALA A 117 8.80 22.18 1.13
C ALA A 117 8.39 22.28 -0.33
N TYR A 118 8.33 23.51 -0.84
CA TYR A 118 8.02 23.79 -2.24
C TYR A 118 9.19 24.56 -2.84
N ASP A 119 9.76 24.02 -3.91
CA ASP A 119 10.87 24.66 -4.64
C ASP A 119 12.01 25.05 -3.71
N GLY A 120 12.33 24.15 -2.77
CA GLY A 120 13.50 24.29 -1.93
C GLY A 120 13.32 25.12 -0.66
N LYS A 121 12.14 25.69 -0.45
CA LYS A 121 11.86 26.49 0.74
C LYS A 121 10.81 25.80 1.60
N ASP A 122 10.93 26.00 2.92
CA ASP A 122 9.89 25.57 3.85
C ASP A 122 8.53 26.09 3.39
N TYR A 123 7.53 25.21 3.41
CA TYR A 123 6.16 25.58 3.10
C TYR A 123 5.28 25.49 4.33
N ILE A 124 5.14 24.31 4.92
CA ILE A 124 4.38 24.15 6.15
C ILE A 124 5.01 23.00 6.93
N ALA A 125 4.97 23.10 8.26
CA ALA A 125 5.56 22.09 9.11
C ALA A 125 4.77 21.97 10.40
N LEU A 126 4.71 20.76 10.91
CA LEU A 126 4.11 20.51 12.21
C LEU A 126 5.05 20.99 13.31
N LYS A 127 4.49 21.68 14.31
CA LYS A 127 5.32 22.15 15.41
C LYS A 127 5.68 20.99 16.34
N GLU A 128 6.63 21.27 17.24
CA GLU A 128 7.16 20.23 18.13
C GLU A 128 6.06 19.59 18.97
N ASP A 129 5.05 20.37 19.36
CA ASP A 129 3.95 19.82 20.16
C ASP A 129 3.04 18.91 19.35
N LEU A 130 3.25 18.77 18.05
CA LEU A 130 2.46 17.91 17.17
C LEU A 130 0.98 18.31 17.17
N ARG A 131 0.68 19.57 17.46
CA ARG A 131 -0.69 20.04 17.50
C ARG A 131 -0.93 21.30 16.68
N SER A 132 0.10 22.06 16.32
CA SER A 132 -0.05 23.29 15.55
C SER A 132 0.85 23.25 14.33
N TRP A 133 0.64 24.19 13.42
CA TRP A 133 1.37 24.26 12.17
C TRP A 133 2.11 25.58 12.05
N THR A 134 3.30 25.53 11.45
CA THR A 134 4.07 26.73 11.09
C THR A 134 3.99 26.92 9.59
N ALA A 135 3.40 28.04 9.16
CA ALA A 135 3.18 28.33 7.75
C ALA A 135 4.08 29.46 7.33
N ALA A 136 4.86 29.24 6.27
CA ALA A 136 5.90 30.18 5.88
C ALA A 136 5.31 31.48 5.33
N ASP A 137 4.45 31.39 4.32
CA ASP A 137 3.90 32.59 3.67
C ASP A 137 2.37 32.57 3.69
N MET A 138 1.75 33.42 2.88
CA MET A 138 0.28 33.55 2.84
C MET A 138 -0.34 32.29 2.22
N ALA A 139 0.23 31.81 1.13
CA ALA A 139 -0.30 30.57 0.52
C ALA A 139 -0.29 29.42 1.54
N ALA A 140 0.79 29.25 2.25
CA ALA A 140 0.85 28.16 3.22
C ALA A 140 -0.25 28.27 4.26
N GLN A 141 -0.73 29.49 4.55
CA GLN A 141 -1.74 29.64 5.59
C GLN A 141 -3.09 29.12 5.13
N THR A 142 -3.33 29.10 3.81
CA THR A 142 -4.54 28.46 3.30
C THR A 142 -4.51 26.95 3.54
N THR A 143 -3.35 26.33 3.31
CA THR A 143 -3.18 24.92 3.66
C THR A 143 -3.31 24.71 5.17
N LYS A 144 -2.74 25.63 5.95
CA LYS A 144 -2.81 25.50 7.41
C LYS A 144 -4.25 25.49 7.89
N HIS A 145 -5.07 26.40 7.38
CA HIS A 145 -6.47 26.46 7.77
C HIS A 145 -7.22 25.22 7.34
N LYS A 146 -6.93 24.71 6.13
CA LYS A 146 -7.57 23.47 5.67
C LYS A 146 -7.21 22.31 6.59
N TRP A 147 -5.94 22.19 6.97
CA TRP A 147 -5.51 21.06 7.80
C TRP A 147 -5.99 21.19 9.23
N GLU A 148 -6.19 22.42 9.71
CA GLU A 148 -6.71 22.60 11.06
C GLU A 148 -8.18 22.17 11.12
N ALA A 149 -8.97 22.54 10.11
CA ALA A 149 -10.37 22.16 10.09
C ALA A 149 -10.55 20.65 9.96
N ALA A 150 -9.69 20.00 9.18
CA ALA A 150 -9.75 18.56 8.97
C ALA A 150 -9.02 17.78 10.05
N HIS A 151 -8.46 18.44 11.06
CA HIS A 151 -7.78 17.76 12.17
C HIS A 151 -6.66 16.85 11.67
N VAL A 152 -5.90 17.35 10.70
CA VAL A 152 -4.79 16.58 10.14
C VAL A 152 -3.73 16.34 11.19
N ALA A 153 -3.49 17.32 12.06
CA ALA A 153 -2.46 17.16 13.09
C ALA A 153 -2.84 16.10 14.11
N GLU A 154 -4.14 15.93 14.37
CA GLU A 154 -4.58 14.90 15.31
C GLU A 154 -4.20 13.50 14.82
N GLN A 155 -4.40 13.25 13.52
CA GLN A 155 -4.05 11.94 12.98
C GLN A 155 -2.55 11.76 12.87
N LEU A 156 -1.84 12.84 12.51
CA LEU A 156 -0.39 12.76 12.43
C LEU A 156 0.22 12.46 13.79
N ARG A 157 -0.25 13.14 14.84
CA ARG A 157 0.28 12.90 16.17
C ARG A 157 0.10 11.45 16.60
N ALA A 158 -1.06 10.86 16.28
CA ALA A 158 -1.29 9.46 16.63
C ALA A 158 -0.34 8.54 15.87
N TYR A 159 -0.05 8.86 14.61
CA TYR A 159 0.90 8.06 13.85
C TYR A 159 2.31 8.23 14.38
N LEU A 160 2.72 9.46 14.68
CA LEU A 160 4.10 9.72 15.07
C LEU A 160 4.40 9.16 16.46
N GLU A 161 3.46 9.28 17.39
CA GLU A 161 3.67 8.80 18.75
C GLU A 161 3.31 7.33 18.93
N GLY A 162 2.53 6.77 18.02
CA GLY A 162 2.14 5.37 18.12
C GLY A 162 2.78 4.49 17.07
N THR A 163 2.16 4.43 15.90
CA THR A 163 2.62 3.54 14.83
C THR A 163 4.10 3.73 14.52
N CYS A 164 4.56 4.99 14.44
CA CYS A 164 5.92 5.24 14.00
C CYS A 164 6.93 4.59 14.93
N VAL A 165 6.77 4.79 16.24
CA VAL A 165 7.75 4.26 17.19
C VAL A 165 7.61 2.76 17.34
N GLU A 166 6.39 2.22 17.26
CA GLU A 166 6.17 0.77 17.38
C GLU A 166 6.90 0.01 16.27
N TRP A 167 6.75 0.49 15.03
CA TRP A 167 7.42 -0.17 13.92
C TRP A 167 8.91 0.12 13.90
N LEU A 168 9.33 1.28 14.45
CA LEU A 168 10.77 1.53 14.62
C LEU A 168 11.39 0.47 15.54
N ARG A 169 10.76 0.22 16.68
CA ARG A 169 11.23 -0.85 17.56
C ARG A 169 11.26 -2.19 16.84
N ARG A 170 10.19 -2.50 16.09
CA ARG A 170 10.16 -3.77 15.36
C ARG A 170 11.31 -3.87 14.38
N TYR A 171 11.56 -2.80 13.62
CA TYR A 171 12.69 -2.81 12.67
C TYR A 171 14.02 -2.95 13.39
N LEU A 172 14.17 -2.31 14.55
CA LEU A 172 15.44 -2.37 15.27
C LEU A 172 15.72 -3.78 15.78
N GLU A 173 14.68 -4.48 16.24
CA GLU A 173 14.85 -5.85 16.71
C GLU A 173 15.04 -6.83 15.56
N ASN A 174 14.27 -6.64 14.48
CA ASN A 174 14.38 -7.53 13.32
C ASN A 174 15.71 -7.35 12.60
N GLY A 175 16.14 -6.12 12.39
CA GLY A 175 17.43 -5.87 11.76
C GLY A 175 18.53 -5.61 12.75
N LYS A 176 18.51 -6.33 13.87
CA LYS A 176 19.43 -6.06 14.98
C LYS A 176 20.88 -6.06 14.53
N GLU A 177 21.25 -7.03 13.69
CA GLU A 177 22.64 -7.12 13.24
C GLU A 177 23.07 -5.90 12.43
N THR A 178 22.15 -5.32 11.66
CA THR A 178 22.47 -4.17 10.81
C THR A 178 22.25 -2.85 11.52
N LEU A 179 21.19 -2.73 12.31
CA LEU A 179 20.75 -1.45 12.85
C LEU A 179 21.27 -1.16 14.25
N GLN A 180 21.48 -2.19 15.08
CA GLN A 180 22.02 -2.01 16.42
C GLN A 180 23.52 -2.23 16.45
N ARG A 181 24.19 -2.09 15.31
CA ARG A 181 25.62 -2.23 15.20
C ARG A 181 26.29 -0.86 15.21
N THR A 182 27.56 -0.83 15.60
CA THR A 182 28.43 0.30 15.36
C THR A 182 29.72 -0.23 14.79
N ASP A 183 30.20 0.39 13.71
CA ASP A 183 31.48 0.06 13.10
C ASP A 183 32.45 1.19 13.42
N ALA A 184 33.46 0.90 14.24
CA ALA A 184 34.43 1.92 14.59
C ALA A 184 35.17 2.37 13.32
N PRO A 185 35.58 3.63 13.26
CA PRO A 185 36.38 4.07 12.12
C PRO A 185 37.74 3.39 12.13
N LYS A 186 38.18 2.98 10.94
CA LYS A 186 39.56 2.60 10.72
C LYS A 186 40.31 3.86 10.29
N THR A 187 41.36 4.21 11.01
CA THR A 187 42.02 5.50 10.85
C THR A 187 43.46 5.32 10.41
N HIS A 188 43.93 6.27 9.60
CA HIS A 188 45.33 6.35 9.21
C HIS A 188 45.62 7.77 8.78
N MET A 189 46.91 8.08 8.68
CA MET A 189 47.38 9.38 8.24
C MET A 189 48.15 9.24 6.93
N THR A 190 48.10 10.30 6.13
CA THR A 190 48.97 10.45 4.98
C THR A 190 49.75 11.74 5.10
N HIS A 191 50.92 11.77 4.48
CA HIS A 191 51.82 12.92 4.49
C HIS A 191 52.32 13.11 3.06
N HIS A 192 52.07 14.26 2.48
CA HIS A 192 52.45 14.54 1.09
C HIS A 192 53.20 15.85 1.05
N ALA A 193 54.47 15.80 0.63
CA ALA A 193 55.28 17.01 0.46
C ALA A 193 54.67 17.87 -0.65
N VAL A 194 54.03 18.96 -0.28
CA VAL A 194 53.52 19.90 -1.27
C VAL A 194 54.68 20.69 -1.88
N SER A 195 55.52 21.24 -1.04
CA SER A 195 56.70 21.99 -1.53
C SER A 195 57.90 21.65 -0.65
N ASP A 196 58.90 22.51 -0.63
CA ASP A 196 60.06 22.13 0.21
C ASP A 196 59.87 22.66 1.63
N HIS A 197 58.95 23.55 1.89
CA HIS A 197 58.87 23.99 3.31
C HIS A 197 57.49 23.80 3.96
N GLU A 198 56.61 23.00 3.38
CA GLU A 198 55.33 22.66 4.01
C GLU A 198 54.78 21.38 3.39
N ALA A 199 53.96 20.68 4.18
CA ALA A 199 53.42 19.39 3.79
C ALA A 199 51.98 19.25 4.29
N THR A 200 51.20 18.47 3.56
CA THR A 200 49.79 18.22 3.90
C THR A 200 49.70 16.98 4.79
N LEU A 201 49.14 17.14 5.98
CA LEU A 201 48.79 16.02 6.84
C LEU A 201 47.29 15.79 6.73
N ARG A 202 46.90 14.56 6.39
CA ARG A 202 45.50 14.22 6.18
C ARG A 202 45.12 13.06 7.10
N CYS A 203 44.13 13.30 7.97
CA CYS A 203 43.66 12.31 8.93
C CYS A 203 42.41 11.62 8.37
N TRP A 204 42.49 10.32 8.16
CA TRP A 204 41.41 9.56 7.56
C TRP A 204 40.58 8.80 8.61
N ALA A 205 39.28 8.70 8.35
CA ALA A 205 38.38 7.84 9.11
C ALA A 205 37.56 7.05 8.09
N LEU A 206 37.62 5.72 8.16
CA LEU A 206 37.02 4.88 7.15
C LEU A 206 36.13 3.80 7.76
N SER A 207 35.14 3.38 6.97
CA SER A 207 34.31 2.21 7.26
C SER A 207 33.57 2.32 8.59
N PHE A 208 33.02 3.50 8.88
CA PHE A 208 32.35 3.68 10.16
C PHE A 208 30.83 3.79 9.97
N TYR A 209 30.12 3.44 11.04
CA TYR A 209 28.68 3.51 11.12
C TYR A 209 28.35 3.72 12.59
N PRO A 210 27.42 4.63 12.93
CA PRO A 210 26.68 5.50 12.01
C PRO A 210 27.49 6.73 11.55
N ALA A 211 26.85 7.61 10.79
CA ALA A 211 27.58 8.66 10.09
C ALA A 211 28.17 9.70 11.02
N GLU A 212 27.52 9.94 12.16
CA GLU A 212 27.96 10.98 13.10
C GLU A 212 29.40 10.72 13.54
N ILE A 213 30.23 11.76 13.45
CA ILE A 213 31.64 11.65 13.82
C ILE A 213 32.23 13.04 13.97
N THR A 214 33.31 13.13 14.76
CA THR A 214 34.03 14.39 14.97
C THR A 214 35.49 14.16 14.63
N LEU A 215 35.98 14.88 13.63
CA LEU A 215 37.36 14.82 13.17
C LEU A 215 37.96 16.21 13.26
N THR A 216 38.99 16.39 14.11
CA THR A 216 39.58 17.69 14.32
C THR A 216 41.10 17.58 14.44
N TRP A 217 41.78 18.68 14.16
CA TRP A 217 43.22 18.80 14.32
C TRP A 217 43.54 19.82 15.41
N GLN A 218 44.62 19.57 16.14
CA GLN A 218 45.13 20.51 17.13
C GLN A 218 46.62 20.72 16.91
N ARG A 219 47.08 21.93 17.23
CA ARG A 219 48.49 22.28 17.23
C ARG A 219 48.85 22.75 18.63
N ASP A 220 49.77 22.01 19.28
CA ASP A 220 50.09 22.24 20.68
C ASP A 220 48.84 22.24 21.55
N GLY A 221 47.85 21.42 21.19
CA GLY A 221 46.61 21.33 21.90
C GLY A 221 45.57 22.39 21.56
N GLU A 222 45.89 23.33 20.67
CA GLU A 222 44.97 24.39 20.30
C GLU A 222 44.20 24.02 19.04
N ASP A 223 42.89 24.23 19.07
CA ASP A 223 42.04 23.84 17.94
C ASP A 223 42.42 24.62 16.69
N GLN A 224 42.44 23.90 15.56
CA GLN A 224 42.86 24.45 14.27
C GLN A 224 41.68 24.57 13.31
N THR A 225 40.50 24.89 13.84
CA THR A 225 39.26 24.81 13.06
C THR A 225 39.32 25.69 11.82
N GLN A 226 39.79 26.93 11.97
CA GLN A 226 39.85 27.82 10.80
C GLN A 226 40.94 27.43 9.82
N ASP A 227 41.85 26.53 10.18
CA ASP A 227 42.97 26.15 9.32
C ASP A 227 42.94 24.67 8.97
N THR A 228 41.76 24.06 9.01
CA THR A 228 41.60 22.64 8.70
C THR A 228 40.63 22.49 7.53
N GLU A 229 41.05 21.74 6.51
CA GLU A 229 40.14 21.38 5.44
C GLU A 229 39.37 20.13 5.83
N LEU A 230 38.05 20.26 5.90
CA LEU A 230 37.16 19.21 6.37
C LEU A 230 36.16 18.90 5.25
N VAL A 231 36.17 17.64 4.78
CA VAL A 231 35.20 17.23 3.76
C VAL A 231 33.95 16.72 4.44
N GLU A 232 32.84 16.82 3.71
CA GLU A 232 31.58 16.27 4.18
C GLU A 232 31.66 14.75 4.30
N THR A 233 31.10 14.22 5.39
CA THR A 233 30.98 12.77 5.55
C THR A 233 30.26 12.18 4.35
N ARG A 234 30.83 11.11 3.79
CA ARG A 234 30.38 10.57 2.52
C ARG A 234 30.16 9.07 2.62
N PRO A 235 29.20 8.53 1.87
CA PRO A 235 28.93 7.09 1.92
C PRO A 235 29.97 6.29 1.14
N ALA A 236 30.40 5.17 1.74
CA ALA A 236 31.27 4.25 1.02
C ALA A 236 30.52 3.44 -0.02
N GLY A 237 29.20 3.27 0.14
CA GLY A 237 28.41 2.48 -0.76
C GLY A 237 28.10 1.09 -0.26
N ASP A 238 28.80 0.64 0.79
CA ASP A 238 28.55 -0.64 1.43
C ASP A 238 27.81 -0.49 2.75
N GLY A 239 27.24 0.69 3.02
CA GLY A 239 26.58 0.93 4.29
C GLY A 239 27.45 1.56 5.35
N THR A 240 28.73 1.81 5.07
CA THR A 240 29.59 2.55 5.97
C THR A 240 29.88 3.94 5.40
N PHE A 241 30.62 4.74 6.15
CA PHE A 241 30.92 6.11 5.76
C PHE A 241 32.41 6.41 5.89
N GLN A 242 32.78 7.56 5.33
CA GLN A 242 34.15 8.02 5.23
C GLN A 242 34.21 9.51 5.53
N LYS A 243 35.38 9.96 6.00
CA LYS A 243 35.63 11.37 6.23
C LYS A 243 37.12 11.55 6.45
N TRP A 244 37.65 12.70 6.02
CA TRP A 244 39.02 13.05 6.37
C TRP A 244 39.12 14.52 6.69
N ALA A 245 40.19 14.86 7.41
CA ALA A 245 40.52 16.22 7.78
C ALA A 245 42.00 16.44 7.53
N ALA A 246 42.34 17.55 6.88
CA ALA A 246 43.71 17.80 6.48
C ALA A 246 44.16 19.16 6.99
N VAL A 247 45.47 19.28 7.20
CA VAL A 247 46.09 20.51 7.65
C VAL A 247 47.45 20.64 6.98
N VAL A 248 47.81 21.86 6.61
CA VAL A 248 49.09 22.16 5.99
C VAL A 248 50.07 22.58 7.08
N VAL A 249 51.11 21.80 7.29
CA VAL A 249 52.05 21.99 8.39
C VAL A 249 53.41 22.37 7.81
N PRO A 250 54.08 23.39 8.36
CA PRO A 250 55.46 23.66 7.93
C PRO A 250 56.37 22.49 8.25
N SER A 251 57.30 22.21 7.33
CA SER A 251 58.20 21.08 7.49
C SER A 251 58.98 21.17 8.79
N GLY A 252 59.04 20.06 9.52
CA GLY A 252 59.63 20.04 10.84
C GLY A 252 58.69 20.35 11.98
N GLN A 253 57.42 20.64 11.71
CA GLN A 253 56.43 20.91 12.74
C GLN A 253 55.41 19.79 12.88
N GLU A 254 55.62 18.66 12.21
CA GLU A 254 54.64 17.58 12.23
C GLU A 254 54.34 17.11 13.66
N GLN A 255 55.36 17.11 14.53
CA GLN A 255 55.18 16.63 15.89
C GLN A 255 54.25 17.51 16.73
N ARG A 256 53.97 18.75 16.28
CA ARG A 256 53.06 19.63 17.01
C ARG A 256 51.59 19.29 16.78
N TYR A 257 51.27 18.52 15.74
CA TYR A 257 49.89 18.37 15.30
C TYR A 257 49.32 17.03 15.75
N THR A 258 48.13 17.07 16.33
CA THR A 258 47.40 15.87 16.73
C THR A 258 46.03 15.87 16.07
N CYS A 259 45.62 14.70 15.60
CA CYS A 259 44.29 14.50 15.05
C CYS A 259 43.43 13.77 16.07
N HIS A 260 42.19 14.22 16.22
CA HIS A 260 41.29 13.70 17.25
C HIS A 260 40.04 13.14 16.60
N VAL A 261 39.69 11.90 16.97
CA VAL A 261 38.55 11.19 16.40
C VAL A 261 37.58 10.84 17.52
N GLN A 262 36.33 11.28 17.37
CA GLN A 262 35.26 10.95 18.29
C GLN A 262 34.18 10.23 17.52
N HIS A 263 33.90 8.98 17.90
CA HIS A 263 32.87 8.21 17.24
C HIS A 263 32.29 7.20 18.23
N GLU A 264 30.99 6.91 18.04
CA GLU A 264 30.27 6.04 18.95
C GLU A 264 30.89 4.64 19.04
N GLY A 265 31.49 4.17 17.95
CA GLY A 265 32.09 2.85 17.94
C GLY A 265 33.46 2.76 18.56
N LEU A 266 34.00 3.87 19.05
CA LEU A 266 35.31 3.80 19.70
C LEU A 266 35.13 3.63 21.21
N PRO A 267 35.92 2.77 21.85
CA PRO A 267 35.85 2.67 23.32
C PRO A 267 36.20 3.98 24.00
N LYS A 268 37.01 4.82 23.36
CA LYS A 268 37.39 6.11 23.89
C LYS A 268 37.98 6.93 22.74
N PRO A 269 37.94 8.26 22.83
CA PRO A 269 38.40 9.09 21.70
C PRO A 269 39.86 8.84 21.34
N LEU A 270 40.14 8.94 20.04
CA LEU A 270 41.48 8.70 19.53
C LEU A 270 42.27 10.00 19.43
N THR A 271 43.55 9.92 19.79
CA THR A 271 44.53 10.97 19.51
C THR A 271 45.62 10.39 18.63
N LEU A 272 45.74 10.90 17.41
CA LEU A 272 46.70 10.44 16.42
C LEU A 272 47.76 11.51 16.20
N ARG A 273 48.97 11.08 15.89
CA ARG A 273 50.08 12.00 15.68
C ARG A 273 51.03 11.40 14.65
N TRP A 274 51.46 12.23 13.69
CA TRP A 274 52.47 11.79 12.73
C TRP A 274 53.83 11.73 13.42
N GLU A 275 54.36 10.52 13.53
CA GLU A 275 55.66 10.31 14.18
C GLU A 275 56.21 8.92 13.85
N MET B 1 13.93 30.91 -8.90
CA MET B 1 13.72 29.99 -7.79
C MET B 1 15.06 29.54 -7.21
N ILE B 2 14.98 28.84 -6.07
CA ILE B 2 16.17 28.42 -5.35
C ILE B 2 17.02 27.51 -6.24
N GLN B 3 18.32 27.79 -6.29
CA GLN B 3 19.29 26.99 -7.02
C GLN B 3 20.56 26.86 -6.19
N ARG B 4 20.96 25.62 -5.90
CA ARG B 4 22.15 25.36 -5.11
C ARG B 4 23.09 24.43 -5.88
N THR B 5 24.39 24.75 -5.83
CA THR B 5 25.42 24.07 -6.59
C THR B 5 25.81 22.74 -5.92
N PRO B 6 25.99 21.68 -6.69
CA PRO B 6 26.40 20.40 -6.09
C PRO B 6 27.85 20.43 -5.64
N LYS B 7 28.08 19.89 -4.45
CA LYS B 7 29.42 19.52 -4.05
C LYS B 7 29.74 18.15 -4.63
N ILE B 8 30.98 17.96 -5.07
CA ILE B 8 31.39 16.77 -5.78
C ILE B 8 32.61 16.18 -5.08
N GLN B 9 32.53 14.89 -4.76
CA GLN B 9 33.67 14.12 -4.27
C GLN B 9 33.79 12.86 -5.10
N VAL B 10 34.99 12.55 -5.54
CA VAL B 10 35.26 11.31 -6.29
C VAL B 10 36.28 10.50 -5.49
N TYR B 11 35.99 9.22 -5.28
CA TYR B 11 36.77 8.39 -4.36
C TYR B 11 36.39 6.94 -4.55
N SER B 12 37.22 6.06 -4.00
CA SER B 12 36.98 4.62 -4.01
C SER B 12 36.37 4.17 -2.70
N ARG B 13 35.62 3.05 -2.77
CA ARG B 13 35.00 2.52 -1.56
C ARG B 13 36.03 1.95 -0.60
N HIS B 14 37.03 1.25 -1.13
CA HIS B 14 38.14 0.71 -0.38
C HIS B 14 39.42 1.45 -0.76
N PRO B 15 40.41 1.51 0.12
CA PRO B 15 41.70 2.11 -0.26
C PRO B 15 42.22 1.49 -1.54
N ALA B 16 42.53 2.35 -2.50
CA ALA B 16 43.01 1.91 -3.82
C ALA B 16 44.29 1.07 -3.72
N GLU B 17 44.22 -0.14 -4.30
CA GLU B 17 45.37 -1.06 -4.48
C GLU B 17 45.39 -1.52 -5.94
N ASN B 18 46.47 -1.24 -6.65
CA ASN B 18 46.55 -1.63 -8.07
C ASN B 18 46.29 -3.13 -8.26
N GLY B 19 45.39 -3.45 -9.15
CA GLY B 19 45.08 -4.83 -9.46
C GLY B 19 44.03 -5.48 -8.59
N LYS B 20 43.44 -4.75 -7.64
CA LYS B 20 42.46 -5.31 -6.73
C LYS B 20 41.10 -4.65 -6.95
N SER B 21 40.06 -5.49 -7.02
CA SER B 21 38.71 -5.03 -7.33
C SER B 21 38.21 -4.03 -6.30
N ASN B 22 37.47 -3.02 -6.77
CA ASN B 22 37.05 -1.91 -5.93
C ASN B 22 35.78 -1.30 -6.52
N PHE B 23 35.33 -0.19 -5.95
CA PHE B 23 34.21 0.59 -6.45
C PHE B 23 34.62 2.05 -6.55
N LEU B 24 34.38 2.67 -7.69
CA LEU B 24 34.63 4.09 -7.89
C LEU B 24 33.36 4.87 -7.59
N ASN B 25 33.46 5.83 -6.68
CA ASN B 25 32.32 6.60 -6.22
C ASN B 25 32.41 8.04 -6.66
N CYS B 26 31.26 8.62 -7.04
CA CYS B 26 31.10 10.06 -7.20
C CYS B 26 29.88 10.47 -6.39
N TYR B 27 30.10 11.29 -5.37
CA TYR B 27 29.05 11.73 -4.45
C TYR B 27 28.71 13.19 -4.74
N VAL B 28 27.48 13.44 -5.19
CA VAL B 28 27.00 14.79 -5.45
C VAL B 28 25.93 15.12 -4.42
N SER B 29 26.14 16.22 -3.68
CA SER B 29 25.27 16.60 -2.59
C SER B 29 25.09 18.12 -2.59
N GLY B 30 24.11 18.58 -1.81
CA GLY B 30 23.90 20.00 -1.59
C GLY B 30 23.29 20.76 -2.74
N PHE B 31 22.69 20.08 -3.70
CA PHE B 31 22.23 20.73 -4.92
C PHE B 31 20.70 20.84 -4.96
N HIS B 32 20.23 21.78 -5.76
CA HIS B 32 18.80 22.03 -5.95
C HIS B 32 18.61 22.85 -7.23
N PRO B 33 17.69 22.48 -8.13
CA PRO B 33 16.71 21.38 -8.11
C PRO B 33 17.33 20.00 -8.32
N SER B 34 16.48 18.99 -8.52
CA SER B 34 16.95 17.60 -8.47
C SER B 34 17.57 17.13 -9.77
N ASP B 35 17.26 17.76 -10.91
CA ASP B 35 17.83 17.34 -12.18
C ASP B 35 19.34 17.52 -12.18
N ILE B 36 20.08 16.43 -12.34
CA ILE B 36 21.53 16.47 -12.39
C ILE B 36 22.04 15.33 -13.26
N GLU B 37 23.08 15.59 -14.03
CA GLU B 37 23.72 14.61 -14.90
C GLU B 37 25.12 14.31 -14.37
N VAL B 38 25.37 13.05 -14.04
CA VAL B 38 26.64 12.61 -13.48
C VAL B 38 27.19 11.48 -14.34
N ASP B 39 28.48 11.56 -14.66
CA ASP B 39 29.14 10.55 -15.46
C ASP B 39 30.50 10.23 -14.86
N LEU B 40 30.83 8.95 -14.80
CA LEU B 40 32.17 8.53 -14.43
C LEU B 40 33.00 8.38 -15.70
N LEU B 41 34.26 8.78 -15.62
CA LEU B 41 35.13 8.84 -16.78
C LEU B 41 36.36 7.97 -16.54
N LYS B 42 36.70 7.17 -17.55
CA LYS B 42 37.93 6.39 -17.54
C LYS B 42 38.78 6.89 -18.71
N ASN B 43 39.87 7.58 -18.37
CA ASN B 43 40.77 8.16 -19.37
C ASN B 43 40.01 9.08 -20.34
N GLY B 44 39.08 9.86 -19.79
CA GLY B 44 38.31 10.81 -20.55
C GLY B 44 37.07 10.27 -21.22
N GLU B 45 36.84 8.96 -21.16
CA GLU B 45 35.71 8.32 -21.81
C GLU B 45 34.66 7.91 -20.79
N ARG B 46 33.40 7.98 -21.19
CA ARG B 46 32.29 7.72 -20.26
C ARG B 46 32.15 6.23 -19.99
N ILE B 47 31.98 5.88 -18.72
CA ILE B 47 31.76 4.50 -18.31
C ILE B 47 30.28 4.17 -18.43
N GLU B 48 29.97 3.04 -19.07
CA GLU B 48 28.59 2.70 -19.40
C GLU B 48 27.79 2.29 -18.16
N LYS B 49 28.20 1.19 -17.52
CA LYS B 49 27.39 0.58 -16.46
C LYS B 49 27.67 1.29 -15.14
N VAL B 50 26.95 2.38 -14.93
CA VAL B 50 27.06 3.18 -13.71
C VAL B 50 25.69 3.21 -13.03
N GLU B 51 25.66 2.84 -11.76
CA GLU B 51 24.45 2.85 -10.96
C GLU B 51 24.46 4.06 -10.01
N HIS B 52 23.29 4.34 -9.44
CA HIS B 52 23.19 5.44 -8.50
C HIS B 52 22.17 5.10 -7.42
N SER B 53 22.38 5.70 -6.24
CA SER B 53 21.48 5.50 -5.12
C SER B 53 20.15 6.20 -5.40
N ASP B 54 19.18 5.95 -4.51
CA ASP B 54 17.86 6.53 -4.66
C ASP B 54 17.88 7.97 -4.15
N LEU B 55 17.27 8.87 -4.92
CA LEU B 55 17.29 10.29 -4.59
C LEU B 55 16.74 10.54 -3.19
N SER B 56 17.53 11.21 -2.37
CA SER B 56 17.12 11.62 -1.03
C SER B 56 17.61 13.05 -0.83
N PHE B 57 17.30 13.64 0.33
CA PHE B 57 17.68 15.02 0.58
C PHE B 57 18.01 15.22 2.06
N SER B 58 18.85 16.23 2.32
CA SER B 58 19.28 16.57 3.67
C SER B 58 18.24 17.42 4.38
N LYS B 59 18.54 17.77 5.64
CA LYS B 59 17.61 18.56 6.44
C LYS B 59 17.32 19.91 5.80
N ASP B 60 18.31 20.51 5.13
CA ASP B 60 18.08 21.80 4.49
C ASP B 60 17.37 21.69 3.15
N TRP B 61 16.95 20.49 2.75
CA TRP B 61 16.16 20.13 1.55
C TRP B 61 17.02 19.90 0.31
N SER B 62 18.34 20.12 0.37
CA SER B 62 19.15 19.91 -0.81
C SER B 62 19.38 18.42 -1.02
N PHE B 63 19.55 18.03 -2.28
CA PHE B 63 19.57 16.62 -2.65
C PHE B 63 20.98 16.05 -2.59
N TYR B 64 21.04 14.72 -2.48
CA TYR B 64 22.33 14.04 -2.57
C TYR B 64 22.13 12.70 -3.28
N LEU B 65 23.15 12.32 -4.05
CA LEU B 65 23.14 11.10 -4.83
C LEU B 65 24.53 10.50 -4.82
N LEU B 66 24.59 9.17 -4.79
CA LEU B 66 25.84 8.42 -4.94
C LEU B 66 25.80 7.65 -6.25
N TYR B 67 26.69 8.01 -7.17
CA TYR B 67 26.94 7.23 -8.37
C TYR B 67 28.19 6.38 -8.16
N TYR B 68 28.17 5.16 -8.70
CA TYR B 68 29.21 4.20 -8.37
C TYR B 68 29.30 3.15 -9.49
N THR B 69 30.48 2.55 -9.61
CA THR B 69 30.68 1.46 -10.56
C THR B 69 31.89 0.64 -10.12
N GLU B 70 31.83 -0.68 -10.41
CA GLU B 70 32.96 -1.54 -10.13
C GLU B 70 34.16 -1.15 -10.99
N PHE B 71 35.35 -1.22 -10.40
CA PHE B 71 36.56 -0.95 -11.18
C PHE B 71 37.77 -1.51 -10.45
N THR B 72 38.79 -1.80 -11.23
CA THR B 72 40.07 -2.29 -10.69
C THR B 72 41.13 -1.23 -10.99
N PRO B 73 41.58 -0.48 -10.01
CA PRO B 73 42.54 0.60 -10.31
C PRO B 73 43.89 0.04 -10.72
N THR B 74 44.57 0.80 -11.57
CA THR B 74 45.92 0.49 -12.03
C THR B 74 46.79 1.70 -11.79
N GLU B 75 48.09 1.56 -12.12
CA GLU B 75 49.01 2.68 -11.94
C GLU B 75 48.76 3.78 -12.97
N LYS B 76 48.31 3.43 -14.17
CA LYS B 76 48.25 4.37 -15.28
C LYS B 76 46.84 4.87 -15.61
N ASP B 77 45.80 4.13 -15.25
CA ASP B 77 44.44 4.56 -15.59
C ASP B 77 44.03 5.77 -14.76
N GLU B 78 43.53 6.80 -15.43
CA GLU B 78 43.02 7.99 -14.76
C GLU B 78 41.49 7.96 -14.75
N TYR B 79 40.91 8.30 -13.61
CA TYR B 79 39.46 8.33 -13.45
C TYR B 79 39.02 9.72 -13.01
N ALA B 80 37.73 10.01 -13.20
CA ALA B 80 37.20 11.33 -12.88
C ALA B 80 35.68 11.27 -12.92
N CYS B 81 35.07 12.31 -12.38
CA CYS B 81 33.62 12.49 -12.38
C CYS B 81 33.27 13.77 -13.10
N ARG B 82 32.27 13.70 -13.99
CA ARG B 82 31.81 14.86 -14.77
C ARG B 82 30.35 15.12 -14.41
N VAL B 83 30.10 16.31 -13.85
CA VAL B 83 28.78 16.66 -13.33
C VAL B 83 28.27 17.88 -14.09
N ASN B 84 26.98 17.82 -14.45
CA ASN B 84 26.30 18.96 -15.04
C ASN B 84 25.00 19.22 -14.30
N HIS B 85 24.65 20.50 -14.20
CA HIS B 85 23.56 20.98 -13.35
C HIS B 85 23.24 22.41 -13.77
N VAL B 86 22.04 22.87 -13.43
CA VAL B 86 21.60 24.20 -13.85
C VAL B 86 22.50 25.30 -13.29
N THR B 87 23.15 25.06 -12.15
CA THR B 87 24.03 26.06 -11.54
C THR B 87 25.43 26.08 -12.14
N LEU B 88 25.72 25.22 -13.11
CA LEU B 88 27.04 25.14 -13.72
C LEU B 88 26.93 25.56 -15.18
N SER B 89 27.76 26.53 -15.57
CA SER B 89 27.71 27.01 -16.95
C SER B 89 28.32 26.00 -17.92
N GLN B 90 29.26 25.19 -17.44
CA GLN B 90 29.82 24.08 -18.22
C GLN B 90 30.01 22.91 -17.26
N PRO B 91 30.14 21.69 -17.80
CA PRO B 91 30.34 20.53 -16.92
C PRO B 91 31.58 20.68 -16.05
N LYS B 92 31.44 20.32 -14.77
CA LYS B 92 32.52 20.37 -13.81
C LYS B 92 33.14 18.98 -13.72
N ILE B 93 34.45 18.89 -13.93
CA ILE B 93 35.17 17.63 -13.92
C ILE B 93 36.10 17.61 -12.72
N VAL B 94 35.94 16.59 -11.87
CA VAL B 94 36.78 16.38 -10.70
C VAL B 94 37.55 15.10 -10.91
N LYS B 95 38.88 15.19 -10.85
CA LYS B 95 39.73 14.02 -11.05
C LYS B 95 39.80 13.19 -9.78
N TRP B 96 39.85 11.87 -9.96
CA TRP B 96 40.03 10.98 -8.82
C TRP B 96 41.47 11.02 -8.33
N ASP B 97 41.63 11.29 -7.04
CA ASP B 97 42.90 11.23 -6.34
C ASP B 97 42.77 10.15 -5.28
N ARG B 98 43.66 9.16 -5.31
CA ARG B 98 43.48 8.00 -4.44
C ARG B 98 43.87 8.25 -2.99
N ASP B 99 44.41 9.43 -2.64
CA ASP B 99 44.56 9.80 -1.24
C ASP B 99 43.75 11.07 -0.95
N MET B 100 42.57 11.16 -1.58
CA MET B 100 41.54 12.16 -1.29
C MET B 100 40.14 11.52 -1.40
N ILE C 1 6.61 1.54 8.86
CA ILE C 1 5.61 1.63 7.80
C ILE C 1 5.14 3.06 7.59
N LEU C 2 4.66 3.33 6.38
CA LEU C 2 4.15 4.64 6.04
C LEU C 2 2.90 4.98 6.86
N ASN C 3 2.60 6.27 6.95
CA ASN C 3 1.31 6.71 7.44
C ASN C 3 0.25 6.36 6.41
N ALA C 4 -0.95 6.04 6.89
CA ALA C 4 -2.03 5.61 6.01
C ALA C 4 -2.87 6.77 5.49
N MET C 5 -2.76 7.95 6.09
CA MET C 5 -3.52 9.13 5.70
C MET C 5 -2.57 10.21 5.20
N ILE C 6 -2.85 10.76 4.02
CA ILE C 6 -2.01 11.78 3.40
C ILE C 6 -2.91 12.90 2.91
N ALA C 7 -3.03 13.96 3.69
CA ALA C 7 -3.91 15.07 3.33
C ALA C 7 -3.28 15.95 2.26
N LYS C 8 -4.09 16.36 1.30
CA LYS C 8 -3.61 17.23 0.23
C LYS C 8 -3.46 18.67 0.74
N ILE C 9 -2.49 19.38 0.19
CA ILE C 9 -2.24 20.75 0.61
C ILE C 9 -3.32 21.68 0.04
N GLY D 1 -13.39 -7.08 -20.46
CA GLY D 1 -14.42 -7.93 -19.90
C GLY D 1 -15.75 -7.24 -19.70
N SER D 2 -16.77 -8.02 -19.35
CA SER D 2 -18.08 -7.46 -19.06
C SER D 2 -18.12 -6.88 -17.65
N HIS D 3 -19.10 -6.00 -17.42
CA HIS D 3 -19.18 -5.29 -16.16
C HIS D 3 -20.64 -5.13 -15.76
N SER D 4 -20.84 -4.75 -14.49
CA SER D 4 -22.18 -4.63 -13.94
C SER D 4 -22.14 -3.65 -12.78
N MET D 5 -23.29 -3.04 -12.51
CA MET D 5 -23.48 -2.23 -11.32
C MET D 5 -24.76 -2.70 -10.63
N ARG D 6 -24.69 -2.90 -9.32
CA ARG D 6 -25.79 -3.50 -8.59
C ARG D 6 -25.98 -2.81 -7.25
N TYR D 7 -27.23 -2.51 -6.92
CA TYR D 7 -27.58 -2.05 -5.59
C TYR D 7 -28.39 -3.13 -4.89
N PHE D 8 -28.00 -3.45 -3.66
CA PHE D 8 -28.65 -4.48 -2.86
C PHE D 8 -29.24 -3.83 -1.61
N PHE D 9 -30.47 -4.20 -1.28
CA PHE D 9 -31.18 -3.59 -0.18
C PHE D 9 -31.78 -4.70 0.69
N THR D 10 -31.57 -4.58 2.00
CA THR D 10 -32.05 -5.58 2.95
C THR D 10 -32.69 -4.85 4.13
N SER D 11 -33.94 -5.17 4.42
CA SER D 11 -34.64 -4.60 5.57
C SER D 11 -35.23 -5.74 6.37
N VAL D 12 -34.98 -5.73 7.68
CA VAL D 12 -35.42 -6.78 8.58
C VAL D 12 -36.21 -6.12 9.70
N SER D 13 -37.48 -6.49 9.83
CA SER D 13 -38.29 -5.94 10.91
C SER D 13 -37.92 -6.61 12.22
N ARG D 14 -38.01 -5.82 13.30
CA ARG D 14 -37.71 -6.28 14.65
C ARG D 14 -38.81 -5.78 15.57
N PRO D 15 -39.95 -6.47 15.59
CA PRO D 15 -41.09 -5.96 16.36
C PRO D 15 -40.78 -5.87 17.84
N GLY D 16 -41.12 -4.71 18.43
CA GLY D 16 -40.82 -4.43 19.81
C GLY D 16 -39.52 -3.68 20.04
N ARG D 17 -38.55 -3.82 19.12
CA ARG D 17 -37.23 -3.24 19.31
C ARG D 17 -37.00 -2.04 18.38
N GLY D 18 -38.06 -1.31 18.03
CA GLY D 18 -37.92 -0.09 17.28
C GLY D 18 -38.04 -0.25 15.77
N GLU D 19 -37.36 0.62 15.03
CA GLU D 19 -37.42 0.62 13.58
C GLU D 19 -36.74 -0.62 13.00
N PRO D 20 -37.15 -1.03 11.80
CA PRO D 20 -36.44 -2.13 11.13
C PRO D 20 -35.04 -1.70 10.72
N ARG D 21 -34.12 -2.66 10.74
CA ARG D 21 -32.76 -2.41 10.26
C ARG D 21 -32.75 -2.40 8.74
N PHE D 22 -32.15 -1.37 8.17
CA PHE D 22 -32.04 -1.22 6.72
C PHE D 22 -30.56 -1.14 6.35
N ILE D 23 -30.15 -1.96 5.39
CA ILE D 23 -28.79 -1.97 4.89
C ILE D 23 -28.83 -1.87 3.37
N ALA D 24 -28.09 -0.90 2.82
CA ALA D 24 -27.96 -0.71 1.38
C ALA D 24 -26.48 -0.74 1.02
N VAL D 25 -26.14 -1.49 -0.02
CA VAL D 25 -24.76 -1.57 -0.49
C VAL D 25 -24.77 -1.47 -2.01
N GLY D 26 -23.73 -0.85 -2.54
CA GLY D 26 -23.59 -0.67 -3.98
C GLY D 26 -22.34 -1.36 -4.48
N TYR D 27 -22.44 -1.96 -5.66
CA TYR D 27 -21.35 -2.73 -6.23
C TYR D 27 -21.09 -2.31 -7.66
N VAL D 28 -19.81 -2.22 -8.03
CA VAL D 28 -19.38 -2.34 -9.41
C VAL D 28 -18.63 -3.66 -9.50
N ASP D 29 -19.13 -4.57 -10.35
CA ASP D 29 -18.64 -5.95 -10.41
C ASP D 29 -18.68 -6.50 -8.99
N ASP D 30 -17.58 -7.00 -8.44
CA ASP D 30 -17.59 -7.58 -7.10
C ASP D 30 -16.89 -6.67 -6.09
N THR D 31 -16.86 -5.37 -6.35
CA THR D 31 -16.25 -4.40 -5.45
C THR D 31 -17.35 -3.50 -4.92
N GLN D 32 -17.59 -3.57 -3.62
CA GLN D 32 -18.54 -2.68 -2.98
C GLN D 32 -17.97 -1.26 -2.93
N PHE D 33 -18.79 -0.29 -3.31
CA PHE D 33 -18.32 1.10 -3.35
C PHE D 33 -19.14 2.10 -2.55
N VAL D 34 -20.38 1.77 -2.16
CA VAL D 34 -21.13 2.61 -1.24
C VAL D 34 -21.88 1.73 -0.25
N ARG D 35 -22.28 2.35 0.86
CA ARG D 35 -23.02 1.64 1.89
C ARG D 35 -23.91 2.60 2.66
N PHE D 36 -25.06 2.11 3.10
CA PHE D 36 -25.89 2.81 4.08
C PHE D 36 -26.38 1.78 5.09
N ASP D 37 -26.30 2.15 6.37
CA ASP D 37 -26.75 1.30 7.46
C ASP D 37 -27.59 2.15 8.40
N SER D 38 -28.87 1.78 8.57
CA SER D 38 -29.77 2.55 9.42
C SER D 38 -29.30 2.58 10.87
N ASP D 39 -28.56 1.58 11.31
CA ASP D 39 -28.08 1.52 12.68
C ASP D 39 -26.71 2.19 12.87
N ALA D 40 -26.12 2.74 11.82
CA ALA D 40 -24.83 3.41 11.97
C ALA D 40 -25.04 4.87 12.39
N ALA D 41 -23.94 5.50 12.83
CA ALA D 41 -24.05 6.82 13.44
C ALA D 41 -24.17 7.94 12.42
N SER D 42 -23.63 7.77 11.22
CA SER D 42 -23.54 8.89 10.28
C SER D 42 -24.90 9.21 9.66
N GLN D 43 -25.74 8.21 9.42
CA GLN D 43 -26.99 8.37 8.68
C GLN D 43 -26.74 8.95 7.29
N ARG D 44 -25.57 8.63 6.73
CA ARG D 44 -25.15 9.11 5.43
C ARG D 44 -24.87 7.93 4.51
N MET D 45 -24.92 8.19 3.21
CA MET D 45 -24.33 7.27 2.25
C MET D 45 -22.81 7.40 2.35
N GLU D 46 -22.13 6.27 2.55
CA GLU D 46 -20.71 6.32 2.86
C GLU D 46 -19.88 5.64 1.76
N PRO D 47 -18.68 6.13 1.50
CA PRO D 47 -17.81 5.48 0.52
C PRO D 47 -17.21 4.20 1.07
N ARG D 48 -16.97 3.25 0.17
CA ARG D 48 -16.32 2.00 0.52
C ARG D 48 -15.24 1.59 -0.48
N ALA D 49 -15.05 2.35 -1.55
CA ALA D 49 -13.93 2.18 -2.46
C ALA D 49 -13.19 3.50 -2.59
N PRO D 50 -11.86 3.48 -2.73
CA PRO D 50 -11.13 4.76 -2.82
C PRO D 50 -11.46 5.56 -4.07
N TRP D 51 -11.86 4.91 -5.16
CA TRP D 51 -12.14 5.66 -6.38
C TRP D 51 -13.46 6.43 -6.33
N ILE D 52 -14.31 6.17 -5.33
CA ILE D 52 -15.53 6.95 -5.16
C ILE D 52 -15.34 8.10 -4.17
N GLU D 53 -14.23 8.11 -3.44
CA GLU D 53 -14.04 9.12 -2.39
C GLU D 53 -13.93 10.53 -2.96
N GLN D 54 -13.49 10.67 -4.22
CA GLN D 54 -13.28 11.98 -4.81
C GLN D 54 -14.58 12.63 -5.30
N GLU D 55 -15.70 11.92 -5.27
CA GLU D 55 -16.97 12.54 -5.62
C GLU D 55 -17.26 13.68 -4.66
N GLY D 56 -17.79 14.77 -5.21
CA GLY D 56 -17.99 15.96 -4.43
C GLY D 56 -19.16 15.83 -3.46
N PRO D 57 -19.42 16.91 -2.72
CA PRO D 57 -20.52 16.88 -1.74
C PRO D 57 -21.89 16.74 -2.36
N GLU D 58 -22.08 17.22 -3.59
CA GLU D 58 -23.37 17.08 -4.26
C GLU D 58 -23.71 15.60 -4.48
N TYR D 59 -22.71 14.79 -4.82
CA TYR D 59 -22.92 13.35 -4.92
C TYR D 59 -23.43 12.78 -3.61
N TRP D 60 -22.70 13.04 -2.52
CA TRP D 60 -23.00 12.40 -1.26
C TRP D 60 -24.32 12.89 -0.67
N ASP D 61 -24.63 14.18 -0.84
CA ASP D 61 -25.92 14.69 -0.38
C ASP D 61 -27.05 14.08 -1.20
N GLY D 62 -26.88 14.01 -2.52
CA GLY D 62 -27.89 13.37 -3.35
C GLY D 62 -28.10 11.92 -3.00
N GLU D 63 -27.01 11.15 -2.91
CA GLU D 63 -27.14 9.73 -2.62
C GLU D 63 -27.70 9.49 -1.22
N THR D 64 -27.39 10.36 -0.27
CA THR D 64 -27.94 10.21 1.07
C THR D 64 -29.44 10.45 1.08
N ARG D 65 -29.88 11.50 0.37
CA ARG D 65 -31.32 11.75 0.21
C ARG D 65 -32.02 10.52 -0.33
N LYS D 66 -31.53 10.00 -1.46
CA LYS D 66 -32.24 8.93 -2.14
C LYS D 66 -32.19 7.64 -1.35
N VAL D 67 -31.05 7.34 -0.72
CA VAL D 67 -30.97 6.12 0.07
C VAL D 67 -31.90 6.21 1.29
N LYS D 68 -32.17 7.43 1.76
CA LYS D 68 -33.14 7.56 2.84
C LYS D 68 -34.55 7.34 2.34
N ALA D 69 -34.81 7.67 1.06
CA ALA D 69 -36.10 7.36 0.45
C ALA D 69 -36.26 5.85 0.25
N HIS D 70 -35.20 5.17 -0.19
CA HIS D 70 -35.21 3.71 -0.25
C HIS D 70 -35.49 3.11 1.12
N SER D 71 -34.83 3.63 2.16
CA SER D 71 -35.03 3.11 3.50
C SER D 71 -36.51 3.18 3.91
N GLN D 72 -37.11 4.36 3.74
CA GLN D 72 -38.52 4.53 4.13
C GLN D 72 -39.43 3.61 3.33
N THR D 73 -39.20 3.53 2.01
CA THR D 73 -40.02 2.66 1.17
C THR D 73 -40.06 1.23 1.71
N HIS D 74 -38.90 0.67 2.02
CA HIS D 74 -38.86 -0.70 2.54
C HIS D 74 -39.43 -0.79 3.95
N ARG D 75 -39.40 0.30 4.71
CA ARG D 75 -40.06 0.31 6.01
C ARG D 75 -41.56 0.15 5.83
N VAL D 76 -42.15 0.91 4.90
CA VAL D 76 -43.56 0.76 4.59
C VAL D 76 -43.82 -0.60 3.96
N ASP D 77 -42.89 -1.08 3.13
CA ASP D 77 -43.05 -2.37 2.46
C ASP D 77 -43.25 -3.50 3.45
N LEU D 78 -42.54 -3.46 4.58
CA LEU D 78 -42.65 -4.53 5.56
C LEU D 78 -44.06 -4.63 6.12
N GLY D 79 -44.70 -3.49 6.38
CA GLY D 79 -46.05 -3.50 6.92
C GLY D 79 -47.07 -3.93 5.90
N THR D 80 -46.91 -3.49 4.65
CA THR D 80 -47.85 -3.86 3.61
C THR D 80 -47.79 -5.36 3.31
N LEU D 81 -46.59 -5.92 3.21
CA LEU D 81 -46.46 -7.35 3.03
C LEU D 81 -46.98 -8.13 4.24
N ARG D 82 -46.81 -7.58 5.45
CA ARG D 82 -47.43 -8.18 6.62
C ARG D 82 -48.94 -8.21 6.47
N GLY D 83 -49.52 -7.16 5.89
CA GLY D 83 -50.97 -7.14 5.69
C GLY D 83 -51.43 -8.10 4.61
N TYR D 84 -50.69 -8.18 3.50
CA TYR D 84 -51.10 -9.01 2.38
C TYR D 84 -51.21 -10.48 2.78
N TYR D 85 -50.32 -10.96 3.65
CA TYR D 85 -50.26 -12.36 4.02
C TYR D 85 -50.89 -12.65 5.38
N ASN D 86 -51.56 -11.68 5.99
CA ASN D 86 -52.25 -11.85 7.26
C ASN D 86 -51.31 -12.42 8.33
N GLN D 87 -50.13 -11.84 8.42
CA GLN D 87 -49.12 -12.32 9.36
C GLN D 87 -49.19 -11.55 10.67
N SER D 88 -48.75 -12.21 11.74
CA SER D 88 -48.81 -11.59 13.05
C SER D 88 -47.83 -10.43 13.14
N GLU D 89 -48.10 -9.53 14.09
CA GLU D 89 -47.25 -8.37 14.32
C GLU D 89 -45.97 -8.73 15.09
N ALA D 90 -45.82 -9.98 15.52
CA ALA D 90 -44.74 -10.34 16.42
C ALA D 90 -43.52 -10.87 15.70
N GLY D 91 -43.70 -11.55 14.56
CA GLY D 91 -42.58 -12.17 13.89
C GLY D 91 -41.72 -11.18 13.13
N SER D 92 -40.45 -11.54 12.98
CA SER D 92 -39.50 -10.74 12.21
C SER D 92 -39.50 -11.21 10.76
N HIS D 93 -39.56 -10.26 9.84
CA HIS D 93 -39.62 -10.59 8.42
C HIS D 93 -38.58 -9.79 7.65
N THR D 94 -38.24 -10.30 6.46
CA THR D 94 -37.15 -9.77 5.66
C THR D 94 -37.68 -9.38 4.28
N VAL D 95 -37.31 -8.19 3.82
CA VAL D 95 -37.51 -7.81 2.42
C VAL D 95 -36.13 -7.56 1.81
N GLN D 96 -35.98 -7.99 0.56
CA GLN D 96 -34.76 -7.77 -0.18
C GLN D 96 -35.08 -7.23 -1.56
N ARG D 97 -34.28 -6.27 -2.01
CA ARG D 97 -34.45 -5.70 -3.33
C ARG D 97 -33.06 -5.55 -3.97
N MET D 98 -33.01 -5.81 -5.27
CA MET D 98 -31.79 -5.65 -6.04
C MET D 98 -32.14 -5.04 -7.38
N TYR D 99 -31.35 -4.07 -7.82
CA TYR D 99 -31.48 -3.60 -9.18
C TYR D 99 -30.13 -3.13 -9.70
N GLY D 100 -30.00 -3.16 -11.02
CA GLY D 100 -28.78 -2.71 -11.66
C GLY D 100 -28.79 -3.10 -13.13
N CYS D 101 -27.63 -2.92 -13.77
CA CYS D 101 -27.49 -3.19 -15.18
C CYS D 101 -26.19 -3.92 -15.47
N ASP D 102 -26.20 -4.72 -16.53
CA ASP D 102 -25.01 -5.39 -17.05
C ASP D 102 -24.60 -4.74 -18.36
N VAL D 103 -23.28 -4.64 -18.58
CA VAL D 103 -22.74 -4.20 -19.85
C VAL D 103 -21.69 -5.19 -20.32
N GLY D 104 -21.46 -5.22 -21.63
CA GLY D 104 -20.46 -6.08 -22.22
C GLY D 104 -19.08 -5.44 -22.22
N SER D 105 -18.16 -6.09 -22.95
CA SER D 105 -16.80 -5.57 -23.07
C SER D 105 -16.76 -4.22 -23.76
N ASP D 106 -17.77 -3.91 -24.58
CA ASP D 106 -17.89 -2.61 -25.23
C ASP D 106 -18.62 -1.59 -24.37
N TRP D 107 -18.91 -1.94 -23.12
CA TRP D 107 -19.62 -1.09 -22.17
C TRP D 107 -21.04 -0.76 -22.64
N ARG D 108 -21.63 -1.61 -23.46
CA ARG D 108 -22.99 -1.40 -23.94
C ARG D 108 -23.97 -2.25 -23.14
N PHE D 109 -25.17 -1.71 -22.95
CA PHE D 109 -26.22 -2.39 -22.20
C PHE D 109 -26.44 -3.81 -22.71
N LEU D 110 -26.41 -4.76 -21.78
CA LEU D 110 -26.78 -6.15 -22.05
C LEU D 110 -28.13 -6.51 -21.48
N ARG D 111 -28.39 -6.15 -20.22
CA ARG D 111 -29.70 -6.34 -19.62
C ARG D 111 -29.75 -5.57 -18.31
N GLY D 112 -30.98 -5.38 -17.81
CA GLY D 112 -31.20 -4.70 -16.56
C GLY D 112 -32.07 -5.54 -15.64
N TYR D 113 -31.99 -5.23 -14.35
CA TYR D 113 -32.67 -6.02 -13.33
C TYR D 113 -33.36 -5.10 -12.34
N HIS D 114 -34.54 -5.54 -11.88
CA HIS D 114 -35.18 -4.96 -10.70
C HIS D 114 -36.02 -6.07 -10.09
N GLN D 115 -35.56 -6.61 -8.97
CA GLN D 115 -36.16 -7.81 -8.38
C GLN D 115 -36.39 -7.60 -6.88
N TYR D 116 -37.44 -8.24 -6.38
CA TYR D 116 -37.85 -8.12 -4.99
C TYR D 116 -38.09 -9.50 -4.41
N ALA D 117 -37.90 -9.62 -3.09
CA ALA D 117 -38.14 -10.89 -2.42
C ALA D 117 -38.63 -10.63 -1.00
N TYR D 118 -39.54 -11.50 -0.54
CA TYR D 118 -40.08 -11.43 0.81
C TYR D 118 -39.76 -12.74 1.52
N ASP D 119 -39.10 -12.64 2.67
CA ASP D 119 -38.69 -13.81 3.45
C ASP D 119 -37.94 -14.83 2.59
N GLY D 120 -37.08 -14.33 1.70
CA GLY D 120 -36.23 -15.20 0.90
C GLY D 120 -36.86 -15.78 -0.34
N LYS D 121 -38.16 -15.58 -0.58
CA LYS D 121 -38.82 -16.11 -1.75
C LYS D 121 -39.02 -15.01 -2.79
N ASP D 122 -38.88 -15.38 -4.06
CA ASP D 122 -39.21 -14.48 -5.17
C ASP D 122 -40.60 -13.89 -5.01
N TYR D 123 -40.68 -12.56 -5.07
CA TYR D 123 -41.95 -11.85 -4.97
C TYR D 123 -42.34 -11.22 -6.30
N ILE D 124 -41.60 -10.23 -6.78
CA ILE D 124 -41.86 -9.63 -8.08
C ILE D 124 -40.53 -9.33 -8.75
N ALA D 125 -40.50 -9.44 -10.08
CA ALA D 125 -39.28 -9.23 -10.83
C ALA D 125 -39.61 -8.63 -12.19
N LEU D 126 -38.85 -7.61 -12.58
CA LEU D 126 -39.00 -7.06 -13.92
C LEU D 126 -38.47 -8.06 -14.94
N LYS D 127 -39.22 -8.27 -16.02
CA LYS D 127 -38.77 -9.20 -17.05
C LYS D 127 -37.71 -8.57 -17.93
N GLU D 128 -37.02 -9.42 -18.69
CA GLU D 128 -35.90 -8.97 -19.52
C GLU D 128 -36.33 -7.91 -20.52
N ASP D 129 -37.57 -7.95 -21.01
CA ASP D 129 -38.02 -6.96 -21.97
C ASP D 129 -38.23 -5.59 -21.35
N LEU D 130 -38.07 -5.48 -20.02
CA LEU D 130 -38.20 -4.23 -19.28
C LEU D 130 -39.60 -3.63 -19.38
N ARG D 131 -40.62 -4.45 -19.67
CA ARG D 131 -41.98 -3.95 -19.77
C ARG D 131 -42.96 -4.71 -18.89
N SER D 132 -42.74 -6.00 -18.69
CA SER D 132 -43.68 -6.84 -17.97
C SER D 132 -43.07 -7.36 -16.67
N TRP D 133 -43.94 -7.74 -15.74
CA TRP D 133 -43.57 -8.19 -14.40
C TRP D 133 -43.89 -9.66 -14.21
N THR D 134 -43.12 -10.30 -13.33
CA THR D 134 -43.35 -11.68 -12.92
C THR D 134 -43.88 -11.68 -11.50
N ALA D 135 -45.12 -12.10 -11.33
CA ALA D 135 -45.77 -12.20 -10.03
C ALA D 135 -46.35 -13.60 -9.89
N ALA D 136 -46.08 -14.25 -8.77
CA ALA D 136 -46.44 -15.66 -8.62
C ALA D 136 -47.79 -15.84 -7.92
N ASP D 137 -48.02 -15.14 -6.82
CA ASP D 137 -49.22 -15.32 -6.01
C ASP D 137 -50.13 -14.10 -6.13
N MET D 138 -51.25 -14.14 -5.38
CA MET D 138 -52.22 -13.05 -5.41
C MET D 138 -51.63 -11.77 -4.87
N ALA D 139 -50.78 -11.88 -3.84
CA ALA D 139 -50.14 -10.69 -3.27
C ALA D 139 -49.31 -9.96 -4.32
N ALA D 140 -48.36 -10.66 -4.94
CA ALA D 140 -47.48 -10.03 -5.92
C ALA D 140 -48.27 -9.48 -7.11
N GLN D 141 -49.36 -10.15 -7.51
CA GLN D 141 -50.18 -9.63 -8.60
C GLN D 141 -50.83 -8.31 -8.22
N THR D 142 -51.17 -8.13 -6.94
CA THR D 142 -51.68 -6.84 -6.49
C THR D 142 -50.64 -5.75 -6.64
N THR D 143 -49.40 -6.03 -6.20
CA THR D 143 -48.31 -5.11 -6.45
C THR D 143 -48.13 -4.87 -7.94
N LYS D 144 -48.16 -5.94 -8.73
CA LYS D 144 -48.01 -5.84 -10.18
C LYS D 144 -49.00 -4.85 -10.77
N HIS D 145 -50.26 -4.90 -10.33
CA HIS D 145 -51.25 -3.94 -10.81
C HIS D 145 -50.91 -2.52 -10.40
N LYS D 146 -50.50 -2.34 -9.14
CA LYS D 146 -50.12 -1.01 -8.68
C LYS D 146 -48.98 -0.44 -9.52
N TRP D 147 -47.98 -1.26 -9.84
CA TRP D 147 -46.85 -0.77 -10.62
C TRP D 147 -47.19 -0.57 -12.09
N GLU D 148 -48.12 -1.38 -12.62
CA GLU D 148 -48.55 -1.19 -14.00
C GLU D 148 -49.27 0.15 -14.17
N ALA D 149 -50.11 0.51 -13.21
CA ALA D 149 -50.87 1.75 -13.31
C ALA D 149 -49.98 2.98 -13.14
N ALA D 150 -48.89 2.86 -12.39
CA ALA D 150 -47.97 3.97 -12.19
C ALA D 150 -46.82 3.97 -13.19
N HIS D 151 -46.83 3.07 -14.17
CA HIS D 151 -45.82 3.03 -15.23
C HIS D 151 -44.40 2.91 -14.64
N VAL D 152 -44.27 2.10 -13.58
CA VAL D 152 -42.99 1.92 -12.93
C VAL D 152 -41.97 1.33 -13.90
N ALA D 153 -42.39 0.36 -14.71
CA ALA D 153 -41.44 -0.30 -15.61
C ALA D 153 -40.87 0.67 -16.64
N GLU D 154 -41.68 1.65 -17.08
CA GLU D 154 -41.19 2.63 -18.04
C GLU D 154 -40.10 3.49 -17.42
N GLN D 155 -40.31 3.96 -16.18
CA GLN D 155 -39.27 4.71 -15.49
C GLN D 155 -38.04 3.84 -15.26
N LEU D 156 -38.24 2.54 -15.00
CA LEU D 156 -37.10 1.66 -14.79
C LEU D 156 -36.28 1.48 -16.06
N ARG D 157 -36.92 1.46 -17.23
CA ARG D 157 -36.16 1.29 -18.47
C ARG D 157 -35.26 2.49 -18.72
N ALA D 158 -35.74 3.70 -18.44
CA ALA D 158 -34.90 4.88 -18.61
C ALA D 158 -33.72 4.85 -17.64
N TYR D 159 -33.94 4.39 -16.40
CA TYR D 159 -32.86 4.31 -15.44
C TYR D 159 -31.88 3.18 -15.79
N LEU D 160 -32.41 2.01 -16.14
CA LEU D 160 -31.57 0.83 -16.31
C LEU D 160 -30.76 0.89 -17.60
N GLU D 161 -31.37 1.38 -18.68
CA GLU D 161 -30.65 1.52 -19.95
C GLU D 161 -29.89 2.83 -20.06
N GLY D 162 -30.31 3.87 -19.32
CA GLY D 162 -29.66 5.16 -19.42
C GLY D 162 -28.79 5.48 -18.23
N THR D 163 -29.41 5.95 -17.14
CA THR D 163 -28.66 6.41 -15.97
C THR D 163 -27.70 5.35 -15.45
N CYS D 164 -28.19 4.10 -15.32
CA CYS D 164 -27.35 3.02 -14.78
C CYS D 164 -26.09 2.84 -15.62
N VAL D 165 -26.26 2.67 -16.94
CA VAL D 165 -25.11 2.43 -17.80
C VAL D 165 -24.18 3.64 -17.82
N GLU D 166 -24.75 4.85 -17.80
CA GLU D 166 -23.94 6.06 -17.86
C GLU D 166 -23.03 6.18 -16.65
N TRP D 167 -23.58 5.97 -15.45
CA TRP D 167 -22.77 6.08 -14.24
C TRP D 167 -21.85 4.87 -14.06
N LEU D 168 -22.24 3.69 -14.54
CA LEU D 168 -21.31 2.57 -14.53
C LEU D 168 -20.05 2.89 -15.32
N ARG D 169 -20.20 3.50 -16.50
CA ARG D 169 -19.04 3.86 -17.31
C ARG D 169 -18.15 4.86 -16.59
N ARG D 170 -18.76 5.85 -15.93
CA ARG D 170 -17.98 6.82 -15.17
C ARG D 170 -17.24 6.16 -14.03
N TYR D 171 -17.93 5.30 -13.27
CA TYR D 171 -17.27 4.55 -12.21
C TYR D 171 -16.11 3.73 -12.75
N LEU D 172 -16.32 3.04 -13.88
CA LEU D 172 -15.26 2.21 -14.45
C LEU D 172 -14.05 3.04 -14.85
N GLU D 173 -14.28 4.27 -15.33
CA GLU D 173 -13.16 5.11 -15.74
C GLU D 173 -12.45 5.71 -14.52
N ASN D 174 -13.21 6.14 -13.51
CA ASN D 174 -12.59 6.68 -12.31
C ASN D 174 -11.82 5.60 -11.54
N GLY D 175 -12.37 4.40 -11.46
CA GLY D 175 -11.70 3.30 -10.79
C GLY D 175 -10.88 2.43 -11.72
N LYS D 176 -10.47 3.02 -12.85
CA LYS D 176 -9.79 2.27 -13.91
C LYS D 176 -8.64 1.41 -13.38
N GLU D 177 -7.88 1.94 -12.41
CA GLU D 177 -6.68 1.24 -11.94
C GLU D 177 -7.03 -0.11 -11.31
N THR D 178 -8.18 -0.23 -10.67
CA THR D 178 -8.61 -1.49 -10.07
C THR D 178 -9.71 -2.18 -10.85
N LEU D 179 -10.71 -1.45 -11.34
CA LEU D 179 -11.87 -2.07 -11.96
C LEU D 179 -11.55 -2.65 -13.34
N GLN D 180 -10.62 -2.05 -14.07
CA GLN D 180 -10.32 -2.47 -15.43
C GLN D 180 -9.05 -3.31 -15.52
N ARG D 181 -8.48 -3.73 -14.40
CA ARG D 181 -7.30 -4.58 -14.44
C ARG D 181 -7.71 -6.05 -14.57
N THR D 182 -6.74 -6.88 -14.96
CA THR D 182 -6.90 -8.33 -14.96
C THR D 182 -5.65 -8.93 -14.34
N ASP D 183 -5.81 -9.57 -13.19
CA ASP D 183 -4.70 -10.23 -12.51
C ASP D 183 -4.86 -11.73 -12.74
N ALA D 184 -3.96 -12.30 -13.52
CA ALA D 184 -3.99 -13.74 -13.75
C ALA D 184 -3.73 -14.48 -12.44
N PRO D 185 -4.40 -15.59 -12.21
CA PRO D 185 -4.21 -16.31 -10.94
C PRO D 185 -2.78 -16.82 -10.80
N LYS D 186 -2.28 -16.78 -9.56
CA LYS D 186 -1.06 -17.47 -9.21
C LYS D 186 -1.45 -18.88 -8.77
N THR D 187 -0.85 -19.88 -9.40
CA THR D 187 -1.27 -21.26 -9.21
C THR D 187 -0.14 -22.12 -8.68
N HIS D 188 -0.52 -23.12 -7.89
CA HIS D 188 0.40 -24.15 -7.44
C HIS D 188 -0.42 -25.35 -7.02
N MET D 189 0.27 -26.44 -6.73
CA MET D 189 -0.35 -27.69 -6.29
C MET D 189 0.24 -28.12 -4.95
N THR D 190 -0.59 -28.70 -4.10
CA THR D 190 -0.13 -29.38 -2.91
C THR D 190 -0.49 -30.86 -3.00
N HIS D 191 0.35 -31.68 -2.38
CA HIS D 191 0.21 -33.13 -2.35
C HIS D 191 0.33 -33.57 -0.92
N HIS D 192 -0.74 -34.14 -0.37
CA HIS D 192 -0.79 -34.54 1.03
C HIS D 192 -1.31 -35.97 1.10
N ALA D 193 -0.51 -36.87 1.66
CA ALA D 193 -0.90 -38.27 1.80
C ALA D 193 -1.89 -38.41 2.94
N VAL D 194 -3.09 -38.92 2.63
CA VAL D 194 -4.08 -39.19 3.66
C VAL D 194 -3.89 -40.58 4.27
N SER D 195 -3.15 -41.45 3.61
CA SER D 195 -2.84 -42.81 4.07
C SER D 195 -1.73 -43.32 3.15
N ASP D 196 -1.48 -44.64 3.20
CA ASP D 196 -0.40 -45.19 2.39
C ASP D 196 -0.84 -45.58 0.98
N HIS D 197 -2.14 -45.53 0.66
CA HIS D 197 -2.58 -45.93 -0.67
C HIS D 197 -3.31 -44.84 -1.45
N GLU D 198 -3.46 -43.64 -0.90
CA GLU D 198 -4.04 -42.53 -1.68
C GLU D 198 -3.60 -41.20 -1.07
N ALA D 199 -3.67 -40.16 -1.90
CA ALA D 199 -3.23 -38.84 -1.48
C ALA D 199 -4.11 -37.77 -2.13
N THR D 200 -4.17 -36.61 -1.48
CA THR D 200 -4.94 -35.48 -1.97
C THR D 200 -4.06 -34.58 -2.82
N LEU D 201 -4.47 -34.35 -4.06
CA LEU D 201 -3.88 -33.33 -4.90
C LEU D 201 -4.81 -32.13 -4.92
N ARG D 202 -4.32 -30.99 -4.43
CA ARG D 202 -5.11 -29.78 -4.35
C ARG D 202 -4.50 -28.72 -5.27
N CYS D 203 -5.33 -28.16 -6.15
CA CYS D 203 -4.90 -27.16 -7.12
C CYS D 203 -5.42 -25.80 -6.69
N TRP D 204 -4.53 -24.81 -6.61
CA TRP D 204 -4.85 -23.49 -6.08
C TRP D 204 -4.86 -22.43 -7.18
N ALA D 205 -5.78 -21.47 -7.05
CA ALA D 205 -5.77 -20.24 -7.83
C ALA D 205 -5.87 -19.07 -6.87
N LEU D 206 -4.83 -18.23 -6.83
CA LEU D 206 -4.74 -17.16 -5.85
C LEU D 206 -4.57 -15.80 -6.52
N SER D 207 -5.00 -14.76 -5.80
CA SER D 207 -4.74 -13.37 -6.18
C SER D 207 -5.24 -13.03 -7.59
N PHE D 208 -6.36 -13.61 -8.00
CA PHE D 208 -6.85 -13.30 -9.33
C PHE D 208 -7.97 -12.27 -9.27
N TYR D 209 -8.15 -11.58 -10.40
CA TYR D 209 -9.18 -10.57 -10.59
C TYR D 209 -9.46 -10.44 -12.08
N PRO D 210 -10.72 -10.45 -12.52
CA PRO D 210 -11.91 -10.54 -11.66
C PRO D 210 -12.19 -11.95 -11.13
N ALA D 211 -13.34 -12.13 -10.48
CA ALA D 211 -13.60 -13.37 -9.75
C ALA D 211 -13.91 -14.54 -10.67
N GLU D 212 -14.43 -14.28 -11.86
CA GLU D 212 -14.84 -15.38 -12.73
C GLU D 212 -13.63 -16.25 -13.08
N ILE D 213 -13.80 -17.57 -12.95
CA ILE D 213 -12.70 -18.49 -13.19
C ILE D 213 -13.25 -19.91 -13.30
N THR D 214 -12.61 -20.74 -14.11
CA THR D 214 -12.93 -22.15 -14.22
C THR D 214 -11.74 -22.96 -13.73
N LEU D 215 -11.99 -23.86 -12.78
CA LEU D 215 -10.95 -24.67 -12.14
C LEU D 215 -11.44 -26.10 -12.04
N THR D 216 -10.79 -27.04 -12.75
CA THR D 216 -11.23 -28.42 -12.77
C THR D 216 -10.04 -29.37 -12.72
N TRP D 217 -10.35 -30.63 -12.46
CA TRP D 217 -9.42 -31.75 -12.54
C TRP D 217 -9.86 -32.73 -13.62
N GLN D 218 -8.88 -33.35 -14.27
CA GLN D 218 -9.13 -34.39 -15.26
C GLN D 218 -8.21 -35.57 -15.01
N ARG D 219 -8.72 -36.77 -15.30
CA ARG D 219 -7.94 -38.00 -15.26
C ARG D 219 -7.86 -38.56 -16.67
N ASP D 220 -6.64 -38.71 -17.19
CA ASP D 220 -6.44 -39.11 -18.58
C ASP D 220 -7.15 -38.15 -19.54
N GLY D 221 -7.25 -36.88 -19.16
CA GLY D 221 -8.01 -35.92 -19.93
C GLY D 221 -9.51 -36.11 -19.90
N GLU D 222 -10.03 -36.87 -18.94
CA GLU D 222 -11.46 -37.16 -18.83
C GLU D 222 -12.08 -36.45 -17.63
N ASP D 223 -13.40 -36.32 -17.68
CA ASP D 223 -14.13 -35.58 -16.66
C ASP D 223 -13.96 -36.22 -15.28
N GLN D 224 -13.83 -35.36 -14.24
CA GLN D 224 -13.73 -35.79 -12.85
C GLN D 224 -14.63 -34.95 -11.95
N THR D 225 -15.71 -34.39 -12.50
CA THR D 225 -16.53 -33.45 -11.75
C THR D 225 -17.08 -34.06 -10.47
N GLN D 226 -17.54 -35.32 -10.53
CA GLN D 226 -18.15 -35.93 -9.36
C GLN D 226 -17.14 -36.37 -8.32
N ASP D 227 -15.87 -36.50 -8.71
CA ASP D 227 -14.80 -36.88 -7.80
C ASP D 227 -13.91 -35.70 -7.41
N THR D 228 -14.38 -34.47 -7.65
CA THR D 228 -13.61 -33.27 -7.36
C THR D 228 -14.33 -32.47 -6.29
N GLU D 229 -13.62 -32.15 -5.21
CA GLU D 229 -14.12 -31.18 -4.25
C GLU D 229 -13.71 -29.79 -4.73
N LEU D 230 -14.69 -28.93 -4.93
CA LEU D 230 -14.47 -27.61 -5.51
C LEU D 230 -15.13 -26.57 -4.62
N VAL D 231 -14.32 -25.74 -3.95
CA VAL D 231 -14.86 -24.75 -3.03
C VAL D 231 -15.35 -23.52 -3.81
N GLU D 232 -16.31 -22.83 -3.20
CA GLU D 232 -16.76 -21.53 -3.70
C GLU D 232 -15.60 -20.56 -3.86
N THR D 233 -15.55 -19.88 -5.00
CA THR D 233 -14.69 -18.72 -5.15
C THR D 233 -14.91 -17.77 -3.97
N ARG D 234 -13.83 -17.29 -3.38
CA ARG D 234 -13.91 -16.57 -2.12
C ARG D 234 -13.03 -15.33 -2.16
N PRO D 235 -13.44 -14.26 -1.48
CA PRO D 235 -12.63 -13.03 -1.48
C PRO D 235 -11.44 -13.15 -0.55
N ALA D 236 -10.25 -12.79 -1.06
CA ALA D 236 -9.07 -12.77 -0.20
C ALA D 236 -9.12 -11.64 0.82
N GLY D 237 -9.98 -10.65 0.62
CA GLY D 237 -10.07 -9.50 1.50
C GLY D 237 -9.29 -8.30 1.04
N ASP D 238 -8.45 -8.44 0.02
CA ASP D 238 -7.69 -7.33 -0.56
C ASP D 238 -8.17 -6.97 -1.95
N GLY D 239 -9.38 -7.39 -2.32
CA GLY D 239 -9.89 -7.15 -3.65
C GLY D 239 -9.48 -8.17 -4.69
N THR D 240 -8.82 -9.25 -4.30
CA THR D 240 -8.55 -10.39 -5.17
C THR D 240 -9.32 -11.60 -4.66
N PHE D 241 -9.28 -12.68 -5.44
CA PHE D 241 -10.10 -13.85 -5.14
C PHE D 241 -9.26 -15.11 -5.09
N GLN D 242 -9.84 -16.14 -4.48
CA GLN D 242 -9.21 -17.43 -4.26
C GLN D 242 -10.15 -18.55 -4.67
N LYS D 243 -9.57 -19.65 -5.14
CA LYS D 243 -10.33 -20.87 -5.36
C LYS D 243 -9.37 -22.04 -5.35
N TRP D 244 -9.87 -23.20 -4.93
CA TRP D 244 -9.10 -24.42 -5.11
C TRP D 244 -10.03 -25.59 -5.43
N ALA D 245 -9.43 -26.62 -6.01
CA ALA D 245 -10.09 -27.88 -6.33
C ALA D 245 -9.16 -29.01 -5.96
N ALA D 246 -9.72 -30.11 -5.45
CA ALA D 246 -8.90 -31.21 -4.95
C ALA D 246 -9.50 -32.54 -5.36
N VAL D 247 -8.61 -33.51 -5.60
CA VAL D 247 -9.00 -34.86 -5.93
C VAL D 247 -8.18 -35.83 -5.10
N VAL D 248 -8.78 -36.95 -4.75
CA VAL D 248 -8.12 -38.04 -4.05
C VAL D 248 -7.63 -39.03 -5.10
N VAL D 249 -6.31 -39.19 -5.20
CA VAL D 249 -5.71 -40.02 -6.24
C VAL D 249 -5.12 -41.28 -5.61
N PRO D 250 -5.29 -42.45 -6.22
CA PRO D 250 -4.60 -43.64 -5.70
C PRO D 250 -3.10 -43.51 -5.89
N SER D 251 -2.35 -44.04 -4.92
CA SER D 251 -0.90 -43.89 -4.94
C SER D 251 -0.32 -44.50 -6.19
N GLY D 252 0.56 -43.77 -6.85
CA GLY D 252 1.09 -44.18 -8.13
C GLY D 252 0.42 -43.58 -9.35
N GLN D 253 -0.71 -42.90 -9.19
CA GLN D 253 -1.48 -42.39 -10.32
C GLN D 253 -1.45 -40.87 -10.43
N GLU D 254 -0.52 -40.20 -9.73
CA GLU D 254 -0.47 -38.74 -9.78
C GLU D 254 -0.28 -38.23 -11.20
N GLN D 255 0.50 -38.95 -12.02
CA GLN D 255 0.78 -38.50 -13.37
C GLN D 255 -0.45 -38.57 -14.28
N ARG D 256 -1.52 -39.25 -13.87
CA ARG D 256 -2.73 -39.32 -14.70
C ARG D 256 -3.57 -38.05 -14.59
N TYR D 257 -3.42 -37.27 -13.53
CA TYR D 257 -4.32 -36.16 -13.23
C TYR D 257 -3.75 -34.85 -13.75
N THR D 258 -4.64 -34.02 -14.32
CA THR D 258 -4.29 -32.67 -14.75
C THR D 258 -5.27 -31.68 -14.12
N CYS D 259 -4.74 -30.55 -13.69
CA CYS D 259 -5.56 -29.42 -13.25
C CYS D 259 -5.60 -28.40 -14.38
N HIS D 260 -6.79 -27.86 -14.64
CA HIS D 260 -7.00 -26.94 -15.75
C HIS D 260 -7.54 -25.62 -15.22
N VAL D 261 -6.95 -24.52 -15.66
CA VAL D 261 -7.29 -23.18 -15.19
C VAL D 261 -7.58 -22.29 -16.38
N GLN D 262 -8.76 -21.68 -16.40
CA GLN D 262 -9.12 -20.68 -17.40
C GLN D 262 -9.50 -19.40 -16.68
N HIS D 263 -8.97 -18.28 -17.16
CA HIS D 263 -9.18 -16.98 -16.56
C HIS D 263 -8.89 -15.91 -17.59
N GLU D 264 -9.65 -14.81 -17.52
CA GLU D 264 -9.47 -13.70 -18.46
C GLU D 264 -8.02 -13.22 -18.50
N GLY D 265 -7.35 -13.21 -17.35
CA GLY D 265 -5.98 -12.74 -17.29
C GLY D 265 -4.94 -13.70 -17.84
N LEU D 266 -5.34 -14.92 -18.22
CA LEU D 266 -4.43 -15.90 -18.81
C LEU D 266 -4.58 -15.88 -20.33
N PRO D 267 -3.48 -15.70 -21.08
CA PRO D 267 -3.61 -15.67 -22.54
C PRO D 267 -4.07 -16.98 -23.13
N LYS D 268 -3.76 -18.09 -22.48
CA LYS D 268 -4.19 -19.43 -22.86
C LYS D 268 -4.46 -20.24 -21.61
N PRO D 269 -5.40 -21.18 -21.66
CA PRO D 269 -5.68 -22.02 -20.48
C PRO D 269 -4.43 -22.73 -19.99
N LEU D 270 -4.34 -22.91 -18.67
CA LEU D 270 -3.23 -23.60 -18.04
C LEU D 270 -3.58 -25.06 -17.82
N THR D 271 -2.62 -25.95 -18.09
CA THR D 271 -2.74 -27.36 -17.79
C THR D 271 -1.57 -27.73 -16.88
N LEU D 272 -1.89 -28.03 -15.62
CA LEU D 272 -0.88 -28.37 -14.61
C LEU D 272 -0.92 -29.86 -14.32
N ARG D 273 0.26 -30.43 -14.06
CA ARG D 273 0.38 -31.84 -13.75
C ARG D 273 1.42 -32.01 -12.66
N TRP D 274 1.11 -32.85 -11.66
CA TRP D 274 2.08 -33.18 -10.64
C TRP D 274 3.08 -34.18 -11.21
N GLU D 275 4.35 -33.78 -11.24
CA GLU D 275 5.41 -34.58 -11.85
C GLU D 275 6.79 -34.06 -11.46
N MET E 1 -40.98 -20.45 7.64
CA MET E 1 -40.40 -19.65 6.56
C MET E 1 -39.07 -20.23 6.12
N ILE E 2 -38.53 -19.69 5.02
CA ILE E 2 -37.29 -20.20 4.44
C ILE E 2 -36.17 -20.08 5.45
N GLN E 3 -35.39 -21.15 5.57
CA GLN E 3 -34.20 -21.17 6.43
C GLN E 3 -33.12 -21.95 5.70
N ARG E 4 -32.00 -21.29 5.39
CA ARG E 4 -30.89 -21.90 4.69
C ARG E 4 -29.65 -21.83 5.56
N THR E 5 -28.91 -22.94 5.63
CA THR E 5 -27.74 -23.11 6.47
C THR E 5 -26.53 -22.42 5.86
N PRO E 6 -25.74 -21.71 6.67
CA PRO E 6 -24.53 -21.06 6.13
C PRO E 6 -23.45 -22.07 5.75
N LYS E 7 -22.84 -21.82 4.60
CA LYS E 7 -21.57 -22.45 4.26
C LYS E 7 -20.44 -21.62 4.86
N ILE E 8 -19.38 -22.30 5.30
CA ILE E 8 -18.29 -21.66 6.05
C ILE E 8 -16.96 -22.02 5.41
N GLN E 9 -16.12 -21.01 5.20
CA GLN E 9 -14.72 -21.20 4.82
C GLN E 9 -13.86 -20.35 5.73
N VAL E 10 -12.85 -20.96 6.35
CA VAL E 10 -11.86 -20.23 7.13
C VAL E 10 -10.52 -20.37 6.44
N TYR E 11 -9.85 -19.23 6.19
CA TYR E 11 -8.64 -19.24 5.39
C TYR E 11 -7.87 -17.95 5.66
N SER E 12 -6.63 -17.91 5.18
CA SER E 12 -5.80 -16.72 5.28
C SER E 12 -5.77 -15.99 3.94
N ARG E 13 -5.59 -14.67 4.01
CA ARG E 13 -5.55 -13.85 2.80
C ARG E 13 -4.36 -14.22 1.94
N HIS E 14 -3.19 -14.37 2.55
CA HIS E 14 -1.97 -14.79 1.88
C HIS E 14 -1.59 -16.20 2.33
N PRO E 15 -0.74 -16.89 1.58
CA PRO E 15 -0.22 -18.18 2.07
C PRO E 15 0.45 -18.00 3.42
N ALA E 16 0.05 -18.84 4.37
CA ALA E 16 0.52 -18.72 5.74
C ALA E 16 2.01 -18.98 5.82
N GLU E 17 2.75 -18.00 6.34
CA GLU E 17 4.17 -18.14 6.66
C GLU E 17 4.34 -17.79 8.13
N ASN E 18 4.90 -18.72 8.91
CA ASN E 18 5.05 -18.51 10.33
C ASN E 18 5.89 -17.27 10.60
N GLY E 19 5.37 -16.38 11.45
CA GLY E 19 6.06 -15.15 11.79
C GLY E 19 5.75 -13.96 10.89
N LYS E 20 4.95 -14.14 9.84
CA LYS E 20 4.66 -13.06 8.91
C LYS E 20 3.18 -12.68 9.01
N SER E 21 2.93 -11.37 9.09
CA SER E 21 1.58 -10.86 9.29
C SER E 21 0.68 -11.19 8.10
N ASN E 22 -0.61 -11.32 8.40
CA ASN E 22 -1.58 -11.87 7.46
C ASN E 22 -2.97 -11.43 7.90
N PHE E 23 -3.98 -11.92 7.19
CA PHE E 23 -5.37 -11.73 7.60
C PHE E 23 -6.05 -13.10 7.63
N LEU E 24 -6.77 -13.37 8.72
CA LEU E 24 -7.55 -14.58 8.87
C LEU E 24 -9.00 -14.28 8.49
N ASN E 25 -9.51 -15.00 7.50
CA ASN E 25 -10.86 -14.78 6.97
C ASN E 25 -11.79 -15.91 7.38
N CYS E 26 -13.01 -15.56 7.75
CA CYS E 26 -14.13 -16.50 7.77
C CYS E 26 -15.18 -15.98 6.81
N TYR E 27 -15.38 -16.69 5.70
CA TYR E 27 -16.36 -16.34 4.70
C TYR E 27 -17.61 -17.20 4.91
N VAL E 28 -18.73 -16.54 5.20
CA VAL E 28 -19.98 -17.22 5.52
C VAL E 28 -21.02 -16.82 4.49
N SER E 29 -21.63 -17.82 3.85
CA SER E 29 -22.46 -17.57 2.68
C SER E 29 -23.67 -18.51 2.68
N GLY E 30 -24.64 -18.16 1.83
CA GLY E 30 -25.75 -19.04 1.51
C GLY E 30 -26.82 -19.17 2.56
N PHE E 31 -26.85 -18.30 3.56
CA PHE E 31 -27.74 -18.48 4.69
C PHE E 31 -28.96 -17.55 4.61
N HIS E 32 -29.98 -17.91 5.37
CA HIS E 32 -31.21 -17.13 5.47
C HIS E 32 -31.98 -17.60 6.70
N PRO E 33 -32.50 -16.69 7.53
CA PRO E 33 -32.46 -15.23 7.44
C PRO E 33 -31.08 -14.63 7.77
N SER E 34 -31.03 -13.32 7.91
CA SER E 34 -29.76 -12.62 8.04
C SER E 34 -29.14 -12.71 9.43
N ASP E 35 -29.93 -12.90 10.48
CA ASP E 35 -29.39 -13.00 11.84
C ASP E 35 -28.35 -14.11 11.91
N ILE E 36 -27.13 -13.76 12.32
CA ILE E 36 -26.06 -14.74 12.40
C ILE E 36 -24.99 -14.23 13.36
N GLU E 37 -24.39 -15.15 14.10
CA GLU E 37 -23.26 -14.88 14.97
C GLU E 37 -22.03 -15.57 14.39
N VAL E 38 -20.95 -14.81 14.21
CA VAL E 38 -19.71 -15.31 13.63
C VAL E 38 -18.56 -14.82 14.49
N ASP E 39 -17.73 -15.75 14.96
CA ASP E 39 -16.59 -15.40 15.78
C ASP E 39 -15.35 -16.12 15.26
N LEU E 40 -14.20 -15.44 15.35
CA LEU E 40 -12.91 -16.06 15.11
C LEU E 40 -12.29 -16.42 16.45
N LEU E 41 -11.69 -17.60 16.53
CA LEU E 41 -11.09 -18.09 17.76
C LEU E 41 -9.59 -18.26 17.57
N LYS E 42 -8.83 -17.91 18.61
CA LYS E 42 -7.40 -18.18 18.68
C LYS E 42 -7.18 -19.05 19.91
N ASN E 43 -6.83 -20.33 19.68
CA ASN E 43 -6.62 -21.28 20.76
C ASN E 43 -7.82 -21.32 21.71
N GLY E 44 -9.03 -21.27 21.13
CA GLY E 44 -10.25 -21.36 21.90
C GLY E 44 -10.82 -20.04 22.38
N GLU E 45 -10.09 -18.94 22.27
CA GLU E 45 -10.54 -17.65 22.81
C GLU E 45 -11.07 -16.76 21.69
N ARG E 46 -12.25 -16.20 21.91
CA ARG E 46 -12.86 -15.31 20.93
C ARG E 46 -12.01 -14.07 20.72
N ILE E 47 -11.60 -13.83 19.47
CA ILE E 47 -10.79 -12.67 19.12
C ILE E 47 -11.68 -11.44 19.06
N GLU E 48 -11.21 -10.34 19.64
CA GLU E 48 -12.13 -9.22 19.84
C GLU E 48 -12.10 -8.19 18.71
N LYS E 49 -10.97 -8.02 18.03
CA LYS E 49 -10.88 -7.04 16.95
C LYS E 49 -11.12 -7.74 15.62
N VAL E 50 -12.39 -8.02 15.35
CA VAL E 50 -12.81 -8.71 14.12
C VAL E 50 -13.80 -7.80 13.40
N GLU E 51 -13.49 -7.46 12.16
CA GLU E 51 -14.37 -6.66 11.31
C GLU E 51 -15.11 -7.55 10.33
N HIS E 52 -16.15 -6.98 9.71
CA HIS E 52 -16.90 -7.75 8.72
C HIS E 52 -17.42 -6.82 7.64
N SER E 53 -17.56 -7.38 6.44
CA SER E 53 -18.16 -6.68 5.33
C SER E 53 -19.63 -6.35 5.62
N ASP E 54 -20.17 -5.44 4.82
CA ASP E 54 -21.58 -5.07 4.92
C ASP E 54 -22.45 -6.16 4.31
N LEU E 55 -23.60 -6.40 4.94
CA LEU E 55 -24.52 -7.45 4.51
C LEU E 55 -24.91 -7.29 3.04
N SER E 56 -24.74 -8.36 2.28
CA SER E 56 -25.19 -8.43 0.89
C SER E 56 -25.72 -9.83 0.63
N PHE E 57 -26.26 -10.05 -0.56
CA PHE E 57 -26.85 -11.34 -0.90
C PHE E 57 -26.63 -11.68 -2.37
N SER E 58 -26.68 -12.97 -2.66
CA SER E 58 -26.48 -13.50 -3.99
C SER E 58 -27.78 -13.46 -4.79
N LYS E 59 -27.70 -13.90 -6.04
CA LYS E 59 -28.87 -13.88 -6.93
C LYS E 59 -30.03 -14.65 -6.31
N ASP E 60 -29.76 -15.78 -5.66
CA ASP E 60 -30.82 -16.60 -5.07
C ASP E 60 -31.35 -16.05 -3.75
N TRP E 61 -30.88 -14.86 -3.33
CA TRP E 61 -31.30 -14.09 -2.16
C TRP E 61 -30.63 -14.54 -0.87
N SER E 62 -29.79 -15.56 -0.89
CA SER E 62 -29.09 -15.96 0.32
C SER E 62 -27.97 -14.97 0.63
N PHE E 63 -27.75 -14.71 1.91
CA PHE E 63 -26.83 -13.69 2.37
C PHE E 63 -25.39 -14.21 2.42
N TYR E 64 -24.44 -13.27 2.44
CA TYR E 64 -23.05 -13.64 2.63
C TYR E 64 -22.33 -12.51 3.34
N LEU E 65 -21.32 -12.88 4.13
CA LEU E 65 -20.53 -11.94 4.90
C LEU E 65 -19.09 -12.42 4.94
N LEU E 66 -18.16 -11.47 4.97
CA LEU E 66 -16.75 -11.76 5.19
C LEU E 66 -16.33 -11.17 6.53
N TYR E 67 -15.92 -12.03 7.44
CA TYR E 67 -15.34 -11.61 8.73
C TYR E 67 -13.83 -11.76 8.58
N TYR E 68 -13.06 -10.84 9.15
CA TYR E 68 -11.60 -10.90 9.00
C TYR E 68 -10.91 -10.18 10.14
N THR E 69 -9.67 -10.57 10.38
CA THR E 69 -8.82 -9.97 11.41
C THR E 69 -7.36 -10.13 11.06
N GLU E 70 -6.55 -9.16 11.47
CA GLU E 70 -5.11 -9.30 11.31
C GLU E 70 -4.62 -10.42 12.22
N PHE E 71 -3.66 -11.20 11.72
CA PHE E 71 -3.02 -12.18 12.57
C PHE E 71 -1.67 -12.55 11.99
N THR E 72 -0.80 -13.06 12.84
CA THR E 72 0.51 -13.54 12.43
C THR E 72 0.59 -15.03 12.76
N PRO E 73 0.50 -15.92 11.78
CA PRO E 73 0.45 -17.35 12.09
C PRO E 73 1.77 -17.85 12.65
N THR E 74 1.65 -18.82 13.55
CA THR E 74 2.79 -19.53 14.12
C THR E 74 2.54 -21.02 13.99
N GLU E 75 3.57 -21.81 14.31
CA GLU E 75 3.46 -23.25 14.15
C GLU E 75 2.41 -23.83 15.11
N LYS E 76 2.32 -23.30 16.31
CA LYS E 76 1.54 -23.94 17.37
C LYS E 76 0.17 -23.31 17.61
N ASP E 77 -0.03 -22.04 17.25
CA ASP E 77 -1.30 -21.39 17.48
C ASP E 77 -2.38 -21.96 16.54
N GLU E 78 -3.54 -22.27 17.11
CA GLU E 78 -4.64 -22.83 16.34
C GLU E 78 -5.75 -21.81 16.23
N TYR E 79 -6.34 -21.69 15.03
CA TYR E 79 -7.39 -20.73 14.76
C TYR E 79 -8.63 -21.44 14.24
N ALA E 80 -9.78 -20.79 14.39
CA ALA E 80 -11.04 -21.40 14.01
C ALA E 80 -12.10 -20.33 13.86
N CYS E 81 -13.16 -20.69 13.15
CA CYS E 81 -14.34 -19.86 13.00
C CYS E 81 -15.52 -20.58 13.62
N ARG E 82 -16.28 -19.88 14.46
CA ARG E 82 -17.47 -20.42 15.12
C ARG E 82 -18.69 -19.63 14.68
N VAL E 83 -19.71 -20.35 14.20
CA VAL E 83 -20.88 -19.74 13.60
C VAL E 83 -22.13 -20.29 14.27
N ASN E 84 -23.06 -19.38 14.60
CA ASN E 84 -24.39 -19.79 15.02
C ASN E 84 -25.42 -19.14 14.11
N HIS E 85 -26.60 -19.75 14.08
CA HIS E 85 -27.66 -19.43 13.13
C HIS E 85 -28.85 -20.30 13.48
N VAL E 86 -30.03 -19.87 13.03
CA VAL E 86 -31.27 -20.57 13.39
C VAL E 86 -31.30 -22.00 12.82
N THR E 87 -30.51 -22.28 11.79
CA THR E 87 -30.48 -23.61 11.18
C THR E 87 -29.53 -24.57 11.89
N LEU E 88 -28.69 -24.08 12.80
CA LEU E 88 -27.73 -24.90 13.52
C LEU E 88 -28.20 -25.10 14.95
N SER E 89 -28.29 -26.37 15.38
CA SER E 89 -28.67 -26.65 16.76
C SER E 89 -27.51 -26.49 17.73
N GLN E 90 -26.28 -26.56 17.24
CA GLN E 90 -25.06 -26.35 18.01
C GLN E 90 -24.17 -25.38 17.25
N PRO E 91 -23.35 -24.60 17.95
CA PRO E 91 -22.38 -23.74 17.26
C PRO E 91 -21.51 -24.55 16.32
N LYS E 92 -21.39 -24.08 15.09
CA LYS E 92 -20.59 -24.78 14.08
C LYS E 92 -19.18 -24.20 14.10
N ILE E 93 -18.20 -25.07 14.37
CA ILE E 93 -16.81 -24.66 14.52
C ILE E 93 -16.01 -25.29 13.39
N VAL E 94 -15.43 -24.45 12.53
CA VAL E 94 -14.54 -24.90 11.46
C VAL E 94 -13.12 -24.48 11.82
N LYS E 95 -12.21 -25.45 11.84
CA LYS E 95 -10.81 -25.19 12.16
C LYS E 95 -10.08 -24.65 10.93
N TRP E 96 -9.17 -23.71 11.17
CA TRP E 96 -8.32 -23.22 10.08
C TRP E 96 -7.27 -24.26 9.72
N ASP E 97 -7.21 -24.60 8.44
CA ASP E 97 -6.18 -25.46 7.87
C ASP E 97 -5.46 -24.65 6.80
N ARG E 98 -4.15 -24.49 6.95
CA ARG E 98 -3.44 -23.60 6.03
C ARG E 98 -3.41 -24.13 4.60
N ASP E 99 -3.69 -25.42 4.39
CA ASP E 99 -3.78 -25.97 3.05
C ASP E 99 -5.22 -26.05 2.54
N MET E 100 -6.13 -25.26 3.10
CA MET E 100 -7.53 -25.23 2.63
C MET E 100 -8.13 -23.82 2.67
N ILE F 1 -25.09 5.73 -9.44
CA ILE F 1 -26.00 6.32 -8.47
C ILE F 1 -27.30 5.53 -8.34
N LEU F 2 -28.00 5.77 -7.24
CA LEU F 2 -29.31 5.18 -7.02
C LEU F 2 -30.35 5.73 -7.98
N ASN F 3 -31.37 4.92 -8.26
CA ASN F 3 -32.55 5.41 -8.94
C ASN F 3 -33.25 6.46 -8.07
N ALA F 4 -33.78 7.49 -8.72
CA ALA F 4 -34.48 8.52 -7.95
C ALA F 4 -35.89 8.10 -7.59
N MET F 5 -36.50 7.22 -8.38
CA MET F 5 -37.82 6.69 -8.12
C MET F 5 -37.71 5.33 -7.44
N ILE F 6 -38.52 5.12 -6.41
CA ILE F 6 -38.51 3.84 -5.71
C ILE F 6 -39.94 3.49 -5.28
N ALA F 7 -40.60 2.65 -6.08
CA ALA F 7 -42.02 2.36 -5.89
C ALA F 7 -42.25 1.40 -4.73
N LYS F 8 -43.29 1.68 -3.94
CA LYS F 8 -43.69 0.81 -2.84
C LYS F 8 -44.48 -0.39 -3.38
N ILE F 9 -44.30 -1.53 -2.74
CA ILE F 9 -45.00 -2.74 -3.18
C ILE F 9 -46.50 -2.62 -2.87
C1 GOL G . 0.19 13.18 6.99
O1 GOL G . 0.39 11.82 6.64
C2 GOL G . -0.55 13.92 5.91
O2 GOL G . -1.94 13.97 6.24
C3 GOL G . -0.03 15.29 5.62
O3 GOL G . -0.57 15.79 4.42
C1 GOL H . -0.68 3.68 10.35
O1 GOL H . -0.06 3.67 9.07
C2 GOL H . -1.13 5.06 10.77
O2 GOL H . -1.96 5.56 9.74
C3 GOL H . -1.88 5.08 12.09
O3 GOL H . -1.43 6.08 12.98
#